data_9GP8
#
_entry.id   9GP8
#
_cell.length_a   60.199
_cell.length_b   105.801
_cell.length_c   156.712
_cell.angle_alpha   90.00
_cell.angle_beta   90.00
_cell.angle_gamma   90.00
#
_symmetry.space_group_name_H-M   'P 21 21 21'
#
loop_
_entity.id
_entity.type
_entity.pdbx_description
1 polymer 'DNA polymerase'
2 non-polymer 'SULFATE ION'
3 water water
#
_entity_poly.entity_id   1
_entity_poly.type   'polypeptide(L)'
_entity_poly.pdbx_seq_one_letter_code
;MILDTDYITEDGKPVIRIFKKENGEFKIDYDRNFEPYIYALLKDDSAIEDVKKITAERHGTTVRVVRAEKVKKKFLGRPI
EVWKLYFTHPQDQPAIRDKIKEHPAVVDIYEYDIPFAKRYLIDKGLIPMEGDEELKMLAFAIATLYHEGEEFAEGPILMI
SYADEEGARVITWKNIDLPYVDVVSTEKEMIKRFLKVVKEKDPDVLITYNGDNFDFAYLKKRSEKLGVKFILGREGSEPK
IQRMGDRFAVEVKGRIHFDLYPVIRRTIWLPTYTLEAVYEAIFGQPKEKVYAEEIAQAWETGEGLERVARYSMEDAKVTY
ELGKEFFPMEAQLSRLVGQSLWDVSRSSTGNLVEWFLLRKAYERNELAPNKPDERELARRRESYAGGYVKEPERGLWENI
VYLDFRSLYPSIIITHNVSPDTLNREGCGEYDVAPQVGHKFCKDFPGFIPSLLGPLLEERQKVKKKMKATIDPIEKKLLD
YRQRLIGILANSFYGYYGYAKARWYCKECAESVTAWGRQYLETTIREIEEKFGFKVLYADTDGFFATIPGADAETVKKKA
KEFLDYINAKLPGLLELEYEGFYKRGFFATKKKYAVIDEEDKITTVGLEIVRVDWSEIAKETQARVLEAILKHGDVEEAV
RIVKEVTEKLSKYEVPPEKLVIYEQITRDLKDYKATGPHVAVAERLAARGIKIRPGTVISYIVLKGSGRIGDRAIPFDEF
DPAKHRYDAEYYIENQVLPAVERILRAFGYRKEDLRYQKTRQVGLGAWLKPKT
;
_entity_poly.pdbx_strand_id   A
#
loop_
_chem_comp.id
_chem_comp.type
_chem_comp.name
_chem_comp.formula
SO4 non-polymer 'SULFATE ION' 'O4 S -2'
#
# COMPACT_ATOMS: atom_id res chain seq x y z
N MET A 1 -3.77 3.07 26.50
CA MET A 1 -3.76 2.67 25.10
C MET A 1 -3.66 1.15 24.98
N ILE A 2 -4.53 0.58 24.16
CA ILE A 2 -4.50 -0.86 23.91
C ILE A 2 -3.58 -1.10 22.73
N LEU A 3 -2.57 -1.96 22.94
CA LEU A 3 -1.62 -2.28 21.88
C LEU A 3 -2.08 -3.47 21.04
N ASP A 4 -2.62 -4.51 21.67
CA ASP A 4 -2.96 -5.72 20.92
C ASP A 4 -3.83 -6.61 21.80
N THR A 5 -4.45 -7.61 21.17
CA THR A 5 -5.10 -8.67 21.91
C THR A 5 -4.80 -10.00 21.24
N ASP A 6 -4.74 -11.05 22.06
CA ASP A 6 -4.75 -12.42 21.57
C ASP A 6 -5.48 -13.27 22.61
N TYR A 7 -5.31 -14.59 22.52
CA TYR A 7 -5.86 -15.45 23.56
C TYR A 7 -5.00 -16.68 23.76
N ILE A 8 -5.01 -17.18 25.00
CA ILE A 8 -4.33 -18.43 25.33
C ILE A 8 -5.39 -19.43 25.75
N THR A 9 -5.05 -20.70 25.64
CA THR A 9 -5.91 -21.79 26.08
C THR A 9 -5.28 -22.46 27.27
N GLU A 10 -5.99 -22.45 28.38
CA GLU A 10 -5.57 -23.02 29.66
C GLU A 10 -6.64 -24.02 30.06
N ASP A 11 -6.25 -25.29 30.21
CA ASP A 11 -7.16 -26.41 30.48
C ASP A 11 -8.35 -26.39 29.51
N GLY A 12 -8.06 -26.12 28.24
CA GLY A 12 -9.08 -26.08 27.21
C GLY A 12 -9.98 -24.87 27.26
N LYS A 13 -9.68 -23.90 28.11
CA LYS A 13 -10.55 -22.74 28.17
C LYS A 13 -9.84 -21.50 27.62
N PRO A 14 -10.48 -20.75 26.73
CA PRO A 14 -9.82 -19.57 26.17
C PRO A 14 -9.74 -18.44 27.18
N VAL A 15 -8.57 -17.82 27.27
CA VAL A 15 -8.35 -16.65 28.10
C VAL A 15 -7.84 -15.53 27.19
N ILE A 16 -8.63 -14.45 27.05
CA ILE A 16 -8.24 -13.30 26.24
C ILE A 16 -7.14 -12.52 26.96
N ARG A 17 -6.16 -12.05 26.20
CA ARG A 17 -5.14 -11.16 26.74
C ARG A 17 -5.21 -9.80 26.06
N ILE A 18 -5.18 -8.74 26.87
CA ILE A 18 -5.13 -7.36 26.39
C ILE A 18 -3.76 -6.80 26.74
N PHE A 19 -3.04 -6.33 25.74
CA PHE A 19 -1.73 -5.72 25.95
C PHE A 19 -1.90 -4.22 25.92
N LYS A 20 -1.53 -3.56 27.01
CA LYS A 20 -1.91 -2.18 27.24
C LYS A 20 -0.70 -1.36 27.66
N LYS A 21 -0.73 -0.07 27.32
CA LYS A 21 0.24 0.89 27.79
C LYS A 21 -0.51 2.09 28.35
N GLU A 22 -0.20 2.46 29.58
CA GLU A 22 -1.06 3.37 30.34
C GLU A 22 -0.20 4.05 31.40
N ASN A 23 -0.10 5.38 31.32
CA ASN A 23 0.77 6.15 32.21
C ASN A 23 2.21 5.63 32.17
N GLY A 24 2.65 5.25 30.98
CA GLY A 24 3.98 4.71 30.77
C GLY A 24 4.18 3.30 31.27
N GLU A 25 3.15 2.65 31.77
CA GLU A 25 3.28 1.29 32.27
C GLU A 25 2.69 0.30 31.27
N PHE A 26 3.41 -0.79 31.04
CA PHE A 26 2.89 -1.92 30.30
C PHE A 26 2.06 -2.80 31.22
N LYS A 27 0.88 -3.20 30.76
CA LYS A 27 -0.05 -4.01 31.53
C LYS A 27 -0.62 -5.14 30.66
N ILE A 28 -1.10 -6.20 31.32
CA ILE A 28 -1.81 -7.27 30.63
C ILE A 28 -3.08 -7.61 31.39
N ASP A 29 -4.23 -7.19 30.87
CA ASP A 29 -5.48 -7.72 31.42
C ASP A 29 -5.82 -9.07 30.78
N TYR A 30 -6.49 -9.92 31.56
CA TYR A 30 -6.95 -11.22 31.12
C TYR A 30 -8.47 -11.25 31.23
N ASP A 31 -9.12 -11.94 30.29
CA ASP A 31 -10.57 -12.09 30.36
C ASP A 31 -10.90 -13.57 30.12
N ARG A 32 -11.24 -14.26 31.20
CA ARG A 32 -11.58 -15.67 31.16
C ARG A 32 -13.01 -15.93 30.75
N ASN A 33 -13.84 -14.88 30.59
CA ASN A 33 -15.29 -15.03 30.47
C ASN A 33 -15.84 -14.54 29.14
N PHE A 34 -15.04 -14.53 28.10
CA PHE A 34 -15.57 -14.13 26.81
C PHE A 34 -15.92 -15.38 26.02
N GLU A 35 -17.14 -15.41 25.46
CA GLU A 35 -17.70 -16.64 24.94
C GLU A 35 -17.75 -16.63 23.42
N PRO A 36 -17.09 -17.54 22.73
CA PRO A 36 -17.27 -17.63 21.27
C PRO A 36 -18.74 -17.94 20.96
N TYR A 37 -19.18 -17.57 19.75
CA TYR A 37 -20.56 -17.83 19.35
C TYR A 37 -20.67 -17.76 17.83
N ILE A 38 -21.76 -18.33 17.31
CA ILE A 38 -22.21 -18.13 15.95
C ILE A 38 -23.72 -17.87 15.96
N TYR A 39 -24.28 -17.61 14.79
CA TYR A 39 -25.73 -17.41 14.66
C TYR A 39 -26.29 -18.45 13.71
N ALA A 40 -27.48 -18.96 14.05
CA ALA A 40 -28.22 -19.91 13.23
C ALA A 40 -29.60 -19.36 12.88
N LEU A 41 -29.94 -19.48 11.59
CA LEU A 41 -31.26 -19.14 11.09
C LEU A 41 -32.02 -20.45 10.95
N LEU A 42 -33.11 -20.59 11.72
CA LEU A 42 -33.87 -21.83 11.78
C LEU A 42 -35.21 -21.66 11.09
N LYS A 43 -35.62 -22.71 10.35
CA LYS A 43 -36.96 -22.71 9.77
C LYS A 43 -38.03 -22.70 10.84
N ASP A 44 -37.85 -23.44 11.93
CA ASP A 44 -38.82 -23.45 13.02
C ASP A 44 -38.08 -23.46 14.35
N ASP A 45 -38.60 -22.72 15.32
CA ASP A 45 -37.93 -22.63 16.62
C ASP A 45 -37.78 -24.00 17.28
N SER A 46 -38.78 -24.87 17.14
CA SER A 46 -38.72 -26.19 17.76
C SER A 46 -37.48 -26.98 17.35
N ALA A 47 -36.81 -26.61 16.25
CA ALA A 47 -35.58 -27.31 15.90
C ALA A 47 -34.43 -26.96 16.82
N ILE A 48 -34.52 -25.87 17.60
CA ILE A 48 -33.39 -25.53 18.46
C ILE A 48 -33.05 -26.67 19.39
N GLU A 49 -34.05 -27.46 19.80
N GLU A 49 -34.05 -27.46 19.77
CA GLU A 49 -33.77 -28.51 20.75
CA GLU A 49 -33.82 -28.52 20.75
C GLU A 49 -32.95 -29.62 20.12
C GLU A 49 -33.05 -29.68 20.13
N ASP A 50 -33.12 -29.85 18.82
CA ASP A 50 -32.20 -30.74 18.12
C ASP A 50 -30.78 -30.15 18.13
N VAL A 51 -30.67 -28.85 17.86
CA VAL A 51 -29.36 -28.23 17.65
C VAL A 51 -28.59 -28.18 18.97
N LYS A 52 -29.27 -27.94 20.09
CA LYS A 52 -28.60 -28.00 21.39
C LYS A 52 -27.95 -29.36 21.62
N LYS A 53 -28.58 -30.42 21.12
CA LYS A 53 -28.08 -31.78 21.31
C LYS A 53 -27.02 -32.18 20.30
N ILE A 54 -26.77 -31.36 19.28
CA ILE A 54 -25.70 -31.69 18.34
C ILE A 54 -24.37 -31.66 19.06
N THR A 55 -23.44 -32.54 18.67
CA THR A 55 -22.13 -32.66 19.29
C THR A 55 -21.14 -33.15 18.25
N ALA A 56 -19.94 -32.59 18.26
CA ALA A 56 -18.86 -33.04 17.42
C ALA A 56 -18.01 -34.03 18.23
N GLU A 57 -16.81 -34.34 17.74
CA GLU A 57 -15.90 -35.20 18.51
C GLU A 57 -14.50 -34.67 18.25
N ARG A 58 -14.02 -33.81 19.14
CA ARG A 58 -12.80 -33.07 18.88
C ARG A 58 -11.73 -33.50 19.86
N HIS A 59 -10.67 -34.11 19.32
CA HIS A 59 -9.54 -34.63 20.09
C HIS A 59 -10.01 -35.44 21.29
N GLY A 60 -11.08 -36.23 21.07
CA GLY A 60 -11.67 -37.08 22.08
C GLY A 60 -12.71 -36.44 22.97
N THR A 61 -12.77 -35.10 23.01
CA THR A 61 -13.70 -34.39 23.88
C THR A 61 -15.02 -34.11 23.16
N THR A 62 -16.15 -34.45 23.79
CA THR A 62 -17.46 -34.10 23.26
C THR A 62 -17.69 -32.59 23.37
N VAL A 63 -17.82 -31.91 22.23
CA VAL A 63 -18.10 -30.47 22.18
C VAL A 63 -19.55 -30.25 21.76
N ARG A 64 -20.23 -29.36 22.47
CA ARG A 64 -21.63 -29.07 22.16
C ARG A 64 -21.90 -27.58 22.27
N VAL A 65 -23.09 -27.19 21.85
CA VAL A 65 -23.58 -25.85 22.10
C VAL A 65 -23.73 -25.67 23.60
N VAL A 66 -23.06 -24.65 24.13
CA VAL A 66 -23.14 -24.40 25.56
C VAL A 66 -24.47 -23.75 25.93
N ARG A 67 -25.01 -22.91 25.05
CA ARG A 67 -26.38 -22.42 25.18
C ARG A 67 -26.82 -21.75 23.88
N ALA A 68 -28.11 -21.41 23.84
CA ALA A 68 -28.76 -20.79 22.70
C ALA A 68 -29.70 -19.72 23.23
N GLU A 69 -29.65 -18.53 22.66
CA GLU A 69 -30.59 -17.47 23.01
C GLU A 69 -31.06 -16.79 21.73
N LYS A 70 -32.38 -16.61 21.63
CA LYS A 70 -32.97 -16.02 20.43
C LYS A 70 -32.74 -14.50 20.42
N VAL A 71 -32.25 -14.00 19.29
CA VAL A 71 -31.96 -12.57 19.16
C VAL A 71 -32.63 -12.03 17.91
N LYS A 72 -32.96 -10.74 17.95
CA LYS A 72 -33.54 -10.04 16.80
C LYS A 72 -32.48 -9.09 16.22
N LYS A 73 -32.34 -9.09 14.90
CA LYS A 73 -31.31 -8.29 14.24
C LYS A 73 -31.78 -7.88 12.85
N LYS A 74 -31.01 -6.97 12.22
CA LYS A 74 -31.26 -6.53 10.86
C LYS A 74 -30.33 -7.28 9.91
N PHE A 75 -30.83 -7.57 8.70
CA PHE A 75 -30.01 -8.28 7.74
C PHE A 75 -30.46 -7.90 6.34
N LEU A 76 -29.64 -7.08 5.66
CA LEU A 76 -29.86 -6.63 4.27
C LEU A 76 -31.21 -5.96 4.11
N GLY A 77 -31.51 -5.02 5.01
CA GLY A 77 -32.66 -4.19 4.89
C GLY A 77 -33.89 -4.67 5.63
N ARG A 78 -33.95 -5.97 5.96
CA ARG A 78 -35.11 -6.64 6.51
C ARG A 78 -34.80 -7.16 7.91
N PRO A 79 -35.80 -7.24 8.80
CA PRO A 79 -35.53 -7.76 10.13
C PRO A 79 -35.44 -9.29 10.11
N ILE A 80 -34.63 -9.82 11.00
CA ILE A 80 -34.35 -11.26 11.00
C ILE A 80 -34.30 -11.70 12.45
N GLU A 81 -34.72 -12.95 12.68
CA GLU A 81 -34.63 -13.57 14.00
C GLU A 81 -33.76 -14.81 13.88
N VAL A 82 -32.68 -14.87 14.65
CA VAL A 82 -31.73 -15.96 14.54
C VAL A 82 -31.36 -16.43 15.93
N TRP A 83 -30.70 -17.59 16.00
CA TRP A 83 -30.28 -18.19 17.27
C TRP A 83 -28.78 -17.98 17.46
N LYS A 84 -28.43 -17.36 18.58
CA LYS A 84 -27.04 -17.19 18.96
C LYS A 84 -26.58 -18.45 19.72
N LEU A 85 -25.68 -19.22 19.12
CA LEU A 85 -25.17 -20.45 19.69
C LEU A 85 -23.82 -20.20 20.35
N TYR A 86 -23.73 -20.44 21.66
CA TYR A 86 -22.48 -20.23 22.38
C TYR A 86 -21.67 -21.51 22.43
N PHE A 87 -20.36 -21.36 22.60
CA PHE A 87 -19.45 -22.50 22.71
C PHE A 87 -18.44 -22.25 23.81
N THR A 88 -17.77 -23.32 24.21
CA THR A 88 -16.70 -23.20 25.19
C THR A 88 -15.44 -22.62 24.54
N HIS A 89 -15.07 -23.12 23.38
CA HIS A 89 -13.79 -22.69 22.85
C HIS A 89 -13.94 -22.22 21.41
N PRO A 90 -13.27 -21.13 21.02
CA PRO A 90 -13.41 -20.67 19.62
C PRO A 90 -13.13 -21.78 18.63
N GLN A 91 -12.19 -22.66 18.92
CA GLN A 91 -11.81 -23.68 17.95
C GLN A 91 -12.76 -24.88 17.98
N ASP A 92 -13.75 -24.87 18.87
CA ASP A 92 -14.89 -25.79 18.77
C ASP A 92 -15.82 -25.46 17.61
N GLN A 93 -15.69 -24.26 17.04
CA GLN A 93 -16.65 -23.83 16.04
C GLN A 93 -16.52 -24.62 14.74
N PRO A 94 -15.34 -24.74 14.11
CA PRO A 94 -15.25 -25.54 12.86
C PRO A 94 -15.84 -26.95 12.95
N ALA A 95 -15.53 -27.69 14.03
CA ALA A 95 -15.92 -29.10 14.11
C ALA A 95 -17.42 -29.27 14.18
N ILE A 96 -18.12 -28.31 14.76
CA ILE A 96 -19.54 -28.45 14.99
C ILE A 96 -20.38 -27.60 14.03
N ARG A 97 -19.75 -26.65 13.32
CA ARG A 97 -20.53 -25.77 12.46
C ARG A 97 -20.99 -26.48 11.18
N ASP A 98 -20.21 -27.41 10.64
CA ASP A 98 -20.71 -28.11 9.46
C ASP A 98 -21.84 -29.04 9.84
N LYS A 99 -21.79 -29.61 11.06
CA LYS A 99 -22.85 -30.50 11.51
C LYS A 99 -24.15 -29.74 11.77
N ILE A 100 -24.05 -28.54 12.34
CA ILE A 100 -25.22 -27.70 12.56
C ILE A 100 -25.85 -27.30 11.23
N LYS A 101 -25.02 -26.86 10.29
CA LYS A 101 -25.48 -26.47 8.97
C LYS A 101 -26.11 -27.65 8.22
N GLU A 102 -25.71 -28.88 8.57
CA GLU A 102 -26.35 -30.08 8.03
C GLU A 102 -27.80 -30.24 8.46
N HIS A 103 -28.21 -29.64 9.58
CA HIS A 103 -29.55 -29.90 10.08
C HIS A 103 -30.58 -29.34 9.11
N PRO A 104 -31.57 -30.15 8.70
CA PRO A 104 -32.46 -29.71 7.62
C PRO A 104 -33.29 -28.49 7.97
N ALA A 105 -33.52 -28.22 9.25
CA ALA A 105 -34.21 -27.03 9.70
C ALA A 105 -33.30 -25.82 9.83
N VAL A 106 -32.00 -25.98 9.57
CA VAL A 106 -31.08 -24.86 9.63
C VAL A 106 -30.94 -24.31 8.22
N VAL A 107 -31.34 -23.06 8.05
CA VAL A 107 -31.25 -22.38 6.76
C VAL A 107 -29.83 -21.93 6.50
N ASP A 108 -29.21 -21.34 7.49
CA ASP A 108 -27.83 -20.87 7.34
C ASP A 108 -27.27 -20.56 8.72
N ILE A 109 -25.96 -20.40 8.75
CA ILE A 109 -25.24 -19.99 9.94
C ILE A 109 -24.38 -18.80 9.53
N TYR A 110 -24.04 -17.99 10.53
CA TYR A 110 -23.49 -16.66 10.28
C TYR A 110 -22.40 -16.36 11.29
N GLU A 111 -21.52 -15.44 10.89
CA GLU A 111 -20.48 -14.91 11.78
C GLU A 111 -19.73 -16.04 12.49
N TYR A 112 -19.36 -17.05 11.71
CA TYR A 112 -18.72 -18.25 12.23
C TYR A 112 -17.21 -18.29 12.04
N ASP A 113 -16.64 -17.38 11.28
CA ASP A 113 -15.22 -17.44 10.94
C ASP A 113 -14.50 -16.15 11.29
N ILE A 114 -14.75 -15.62 12.48
CA ILE A 114 -14.23 -14.32 12.87
C ILE A 114 -13.26 -14.54 14.02
N PRO A 115 -11.97 -14.27 13.84
CA PRO A 115 -10.98 -14.63 14.86
C PRO A 115 -11.33 -14.10 16.24
N PHE A 116 -11.11 -14.95 17.24
CA PHE A 116 -11.64 -14.76 18.59
C PHE A 116 -11.17 -13.46 19.23
N ALA A 117 -9.89 -13.11 19.07
CA ALA A 117 -9.38 -11.88 19.69
C ALA A 117 -9.81 -10.64 18.91
N LYS A 118 -10.13 -10.80 17.64
CA LYS A 118 -10.69 -9.74 16.85
C LYS A 118 -12.17 -9.54 17.16
N ARG A 119 -12.89 -10.68 17.32
CA ARG A 119 -14.23 -10.67 17.91
C ARG A 119 -14.25 -9.92 19.24
N TYR A 120 -13.23 -10.11 20.05
CA TYR A 120 -13.19 -9.43 21.33
C TYR A 120 -13.16 -7.92 21.14
N LEU A 121 -12.22 -7.44 20.31
CA LEU A 121 -12.06 -5.99 20.12
C LEU A 121 -13.37 -5.33 19.69
N ILE A 122 -13.99 -5.87 18.64
CA ILE A 122 -15.30 -5.41 18.20
C ILE A 122 -16.32 -5.44 19.34
N ASP A 123 -16.61 -6.65 19.86
CA ASP A 123 -17.74 -6.79 20.77
C ASP A 123 -17.60 -5.92 22.00
N LYS A 124 -16.40 -5.74 22.50
CA LYS A 124 -16.15 -4.96 23.69
C LYS A 124 -16.00 -3.47 23.39
N GLY A 125 -16.24 -3.04 22.14
CA GLY A 125 -16.10 -1.66 21.73
C GLY A 125 -14.71 -1.05 21.94
N LEU A 126 -13.67 -1.89 22.02
CA LEU A 126 -12.31 -1.43 22.28
C LEU A 126 -11.64 -1.02 20.97
N ILE A 127 -10.77 -0.01 21.05
CA ILE A 127 -10.15 0.58 19.88
C ILE A 127 -8.66 0.64 20.08
N PRO A 128 -7.84 -0.07 19.29
CA PRO A 128 -6.39 -0.04 19.48
C PRO A 128 -5.84 1.34 19.14
N MET A 129 -4.73 1.69 19.82
CA MET A 129 -3.93 2.87 19.47
C MET A 129 -4.65 4.19 19.78
N GLU A 130 -5.50 4.21 20.80
CA GLU A 130 -6.22 5.44 21.15
C GLU A 130 -5.51 6.21 22.25
N GLY A 131 -5.48 7.53 22.10
CA GLY A 131 -4.97 8.40 23.13
C GLY A 131 -3.58 8.94 22.82
N ASP A 132 -2.99 9.56 23.84
CA ASP A 132 -1.80 10.37 23.70
C ASP A 132 -0.52 9.66 24.12
N GLU A 133 -0.63 8.46 24.72
CA GLU A 133 0.47 7.64 25.22
C GLU A 133 1.71 7.68 24.34
N GLU A 134 2.81 8.22 24.86
CA GLU A 134 4.07 8.17 24.14
C GLU A 134 4.59 6.73 24.07
N LEU A 135 5.08 6.33 22.90
CA LEU A 135 5.50 4.95 22.68
C LEU A 135 6.95 4.90 22.24
N LYS A 136 7.73 4.05 22.91
CA LYS A 136 9.17 3.91 22.70
C LYS A 136 9.41 2.91 21.57
N MET A 137 10.06 3.37 20.49
CA MET A 137 10.32 2.53 19.34
C MET A 137 11.82 2.28 19.21
N LEU A 138 12.15 1.15 18.55
CA LEU A 138 13.53 0.74 18.34
C LEU A 138 13.58 -0.09 17.07
N ALA A 139 14.46 0.26 16.15
CA ALA A 139 14.64 -0.50 14.92
C ALA A 139 15.87 -1.37 15.05
N PHE A 140 15.90 -2.45 14.28
CA PHE A 140 17.07 -3.29 14.26
C PHE A 140 17.21 -3.94 12.89
N ALA A 141 18.44 -4.35 12.59
CA ALA A 141 18.78 -5.03 11.35
C ALA A 141 19.93 -5.98 11.65
N ILE A 142 20.13 -6.94 10.76
CA ILE A 142 21.23 -7.88 10.91
C ILE A 142 21.96 -8.02 9.58
N ALA A 143 23.27 -8.26 9.68
CA ALA A 143 24.12 -8.66 8.56
C ALA A 143 24.69 -10.02 8.89
N THR A 144 24.66 -10.92 7.90
CA THR A 144 25.04 -12.31 8.10
C THR A 144 26.12 -12.72 7.11
N LEU A 145 26.92 -13.73 7.51
CA LEU A 145 27.89 -14.34 6.60
C LEU A 145 27.16 -15.28 5.66
N TYR A 146 27.22 -14.99 4.36
CA TYR A 146 26.50 -15.76 3.35
C TYR A 146 27.49 -16.44 2.41
N HIS A 147 27.08 -17.59 1.89
CA HIS A 147 27.86 -18.35 0.91
C HIS A 147 26.90 -19.16 0.06
N GLU A 148 27.16 -19.17 -1.25
CA GLU A 148 26.30 -19.90 -2.19
C GLU A 148 26.20 -21.36 -1.81
N GLY A 149 25.02 -21.96 -2.02
CA GLY A 149 24.79 -23.36 -1.79
C GLY A 149 24.38 -23.72 -0.37
N GLU A 150 24.69 -22.86 0.60
CA GLU A 150 24.36 -23.16 2.00
C GLU A 150 22.87 -23.00 2.24
N GLU A 151 22.38 -23.72 3.26
CA GLU A 151 21.00 -23.55 3.69
C GLU A 151 20.83 -22.20 4.38
N PHE A 152 19.57 -21.81 4.54
CA PHE A 152 19.25 -20.59 5.28
C PHE A 152 19.84 -20.66 6.70
N ALA A 153 20.67 -19.68 7.04
CA ALA A 153 21.26 -19.48 8.37
C ALA A 153 22.36 -20.46 8.71
N GLU A 154 22.94 -21.14 7.70
CA GLU A 154 24.15 -21.93 7.91
C GLU A 154 25.30 -21.07 8.43
N GLY A 155 25.38 -19.81 7.99
CA GLY A 155 26.42 -18.92 8.43
C GLY A 155 25.97 -18.06 9.61
N PRO A 156 26.92 -17.58 10.40
CA PRO A 156 26.56 -16.78 11.58
C PRO A 156 26.05 -15.39 11.23
N ILE A 157 25.27 -14.83 12.16
CA ILE A 157 25.06 -13.40 12.14
C ILE A 157 26.38 -12.73 12.47
N LEU A 158 26.77 -11.74 11.66
CA LEU A 158 28.01 -11.01 11.93
C LEU A 158 27.75 -9.76 12.76
N MET A 159 26.70 -9.02 12.41
CA MET A 159 26.31 -7.80 13.11
C MET A 159 24.81 -7.78 13.34
N ILE A 160 24.44 -7.38 14.55
CA ILE A 160 23.10 -6.93 14.86
C ILE A 160 23.18 -5.41 15.02
N SER A 161 22.54 -4.68 14.12
CA SER A 161 22.44 -3.22 14.26
C SER A 161 21.10 -2.87 14.88
N TYR A 162 21.09 -1.81 15.68
CA TYR A 162 19.84 -1.22 16.11
C TYR A 162 19.94 0.31 16.02
N ALA A 163 18.83 0.98 16.25
CA ALA A 163 18.81 2.44 16.16
C ALA A 163 17.54 2.98 16.79
N ASP A 164 17.68 4.09 17.52
CA ASP A 164 16.50 4.72 18.09
C ASP A 164 16.85 6.19 18.43
N GLU A 165 16.24 6.72 19.50
CA GLU A 165 16.48 8.08 19.95
C GLU A 165 17.97 8.36 20.12
N GLU A 166 18.63 7.60 20.99
CA GLU A 166 20.03 7.87 21.35
C GLU A 166 20.94 7.86 20.14
N GLY A 167 20.62 7.07 19.13
CA GLY A 167 21.41 7.00 17.92
C GLY A 167 21.40 5.59 17.37
N ALA A 168 22.42 5.27 16.58
CA ALA A 168 22.55 3.96 15.95
C ALA A 168 23.85 3.30 16.40
N ARG A 169 23.78 2.01 16.73
CA ARG A 169 24.93 1.21 17.12
C ARG A 169 24.95 -0.09 16.32
N VAL A 170 26.10 -0.76 16.35
CA VAL A 170 26.27 -2.10 15.80
C VAL A 170 26.96 -2.97 16.85
N ILE A 171 26.47 -4.19 17.00
CA ILE A 171 27.05 -5.20 17.89
C ILE A 171 27.66 -6.28 17.02
N THR A 172 28.95 -6.59 17.27
CA THR A 172 29.64 -7.59 16.47
C THR A 172 30.77 -8.23 17.26
N TRP A 173 31.25 -9.35 16.73
CA TRP A 173 32.30 -10.12 17.38
C TRP A 173 33.57 -10.10 16.54
N LYS A 174 33.99 -8.90 16.15
CA LYS A 174 35.31 -8.60 15.59
C LYS A 174 35.58 -7.13 15.81
N ASN A 175 36.84 -6.79 16.03
CA ASN A 175 37.19 -5.45 16.48
C ASN A 175 37.11 -4.48 15.31
N ILE A 176 36.31 -3.43 15.48
CA ILE A 176 36.21 -2.32 14.55
C ILE A 176 36.26 -1.06 15.41
N ASP A 177 37.34 -0.29 15.29
CA ASP A 177 37.55 0.82 16.20
C ASP A 177 36.59 1.99 15.96
N LEU A 178 35.69 1.88 14.97
CA LEU A 178 34.64 2.89 14.79
C LEU A 178 33.82 3.04 16.08
N PRO A 179 33.43 4.25 16.46
CA PRO A 179 32.91 4.49 17.81
C PRO A 179 31.45 4.08 18.01
N TYR A 180 30.71 3.79 16.95
CA TYR A 180 29.35 3.31 17.11
C TYR A 180 29.26 1.79 17.17
N VAL A 181 30.35 1.09 16.87
CA VAL A 181 30.39 -0.37 16.97
C VAL A 181 30.75 -0.75 18.40
N ASP A 182 29.98 -1.68 18.98
CA ASP A 182 30.35 -2.35 20.21
C ASP A 182 30.76 -3.78 19.88
N VAL A 183 31.87 -4.21 20.49
CA VAL A 183 32.48 -5.50 20.19
C VAL A 183 32.35 -6.40 21.41
N VAL A 184 32.05 -7.68 21.17
CA VAL A 184 32.02 -8.71 22.20
C VAL A 184 32.71 -9.96 21.66
N SER A 185 32.87 -10.94 22.55
CA SER A 185 33.59 -12.16 22.20
C SER A 185 32.98 -12.89 21.01
N THR A 186 31.67 -13.12 21.04
CA THR A 186 31.07 -14.22 20.30
C THR A 186 29.82 -13.77 19.55
N GLU A 187 29.43 -14.56 18.53
CA GLU A 187 28.07 -14.46 18.00
C GLU A 187 27.04 -14.66 19.11
N LYS A 188 27.26 -15.66 19.97
CA LYS A 188 26.36 -15.88 21.10
C LYS A 188 26.19 -14.62 21.93
N GLU A 189 27.30 -14.01 22.32
CA GLU A 189 27.23 -12.86 23.20
C GLU A 189 26.65 -11.66 22.48
N MET A 190 26.88 -11.57 21.17
CA MET A 190 26.21 -10.56 20.37
C MET A 190 24.70 -10.69 20.52
N ILE A 191 24.20 -11.92 20.34
CA ILE A 191 22.76 -12.16 20.40
C ILE A 191 22.25 -11.92 21.82
N LYS A 192 23.01 -12.36 22.82
CA LYS A 192 22.63 -12.05 24.20
C LYS A 192 22.67 -10.54 24.44
N ARG A 193 23.69 -9.87 23.89
CA ARG A 193 23.77 -8.41 24.01
C ARG A 193 22.53 -7.75 23.43
N PHE A 194 22.13 -8.19 22.23
CA PHE A 194 20.91 -7.69 21.62
C PHE A 194 19.72 -7.90 22.55
N LEU A 195 19.50 -9.14 23.02
CA LEU A 195 18.36 -9.42 23.88
C LEU A 195 18.36 -8.56 25.14
N LYS A 196 19.53 -8.08 25.53
CA LYS A 196 19.70 -7.35 26.78
C LYS A 196 19.39 -5.85 26.60
N VAL A 197 19.83 -5.26 25.48
CA VAL A 197 19.49 -3.87 25.23
C VAL A 197 17.99 -3.73 24.96
N VAL A 198 17.35 -4.79 24.46
CA VAL A 198 15.90 -4.76 24.31
C VAL A 198 15.23 -4.75 25.69
N LYS A 199 15.63 -5.69 26.56
CA LYS A 199 15.04 -5.77 27.90
C LYS A 199 15.11 -4.43 28.61
N GLU A 200 16.22 -3.70 28.44
CA GLU A 200 16.47 -2.48 29.18
C GLU A 200 15.95 -1.23 28.48
N LYS A 201 15.84 -1.26 27.15
CA LYS A 201 15.13 -0.20 26.47
C LYS A 201 13.62 -0.42 26.53
N ASP A 202 13.18 -1.68 26.55
CA ASP A 202 11.77 -2.08 26.59
C ASP A 202 10.94 -1.25 25.64
N PRO A 203 11.16 -1.37 24.33
CA PRO A 203 10.35 -0.60 23.39
C PRO A 203 8.97 -1.21 23.25
N ASP A 204 8.01 -0.38 22.93
CA ASP A 204 6.71 -0.90 22.58
C ASP A 204 6.61 -1.30 21.11
N VAL A 205 7.53 -0.79 20.31
CA VAL A 205 7.52 -1.03 18.87
C VAL A 205 8.89 -1.54 18.50
N LEU A 206 8.93 -2.60 17.71
CA LEU A 206 10.15 -3.11 17.13
C LEU A 206 10.02 -2.96 15.63
N ILE A 207 10.90 -2.15 15.02
CA ILE A 207 10.83 -1.83 13.61
C ILE A 207 11.88 -2.62 12.85
N THR A 208 11.44 -3.29 11.79
CA THR A 208 12.34 -4.00 10.90
C THR A 208 11.97 -3.65 9.47
N TYR A 209 12.88 -3.94 8.55
CA TYR A 209 12.56 -3.86 7.14
C TYR A 209 12.69 -5.28 6.61
N ASN A 210 11.55 -5.95 6.56
CA ASN A 210 11.35 -7.33 6.13
C ASN A 210 11.71 -8.33 7.23
N GLY A 211 11.72 -7.88 8.49
CA GLY A 211 11.88 -8.80 9.60
C GLY A 211 10.89 -9.96 9.58
N ASP A 212 9.69 -9.74 9.02
CA ASP A 212 8.72 -10.83 8.89
C ASP A 212 9.29 -12.04 8.16
N ASN A 213 10.27 -11.84 7.29
CA ASN A 213 10.72 -12.91 6.40
C ASN A 213 12.21 -13.18 6.47
N PHE A 214 13.00 -12.28 7.04
CA PHE A 214 14.43 -12.54 7.16
C PHE A 214 14.89 -12.49 8.61
N ASP A 215 14.91 -11.28 9.17
CA ASP A 215 15.69 -11.04 10.39
C ASP A 215 15.28 -12.01 11.50
N PHE A 216 13.97 -12.08 11.81
CA PHE A 216 13.51 -12.89 12.93
C PHE A 216 13.78 -14.38 12.70
N ALA A 217 13.60 -14.85 11.46
CA ALA A 217 13.84 -16.25 11.15
C ALA A 217 15.33 -16.58 11.27
N TYR A 218 16.19 -15.68 10.81
CA TYR A 218 17.62 -15.86 11.01
C TYR A 218 17.96 -15.93 12.50
N LEU A 219 17.52 -14.93 13.28
CA LEU A 219 17.90 -14.91 14.69
C LEU A 219 17.37 -16.13 15.44
N LYS A 220 16.26 -16.71 14.97
CA LYS A 220 15.76 -17.96 15.57
C LYS A 220 16.73 -19.11 15.32
N LYS A 221 16.97 -19.44 14.05
CA LYS A 221 17.85 -20.55 13.71
C LYS A 221 19.20 -20.44 14.39
N ARG A 222 19.75 -19.23 14.45
CA ARG A 222 21.08 -19.06 15.04
C ARG A 222 21.04 -19.29 16.55
N SER A 223 20.09 -18.66 17.25
CA SER A 223 20.02 -18.85 18.70
C SER A 223 19.70 -20.29 19.08
N GLU A 224 19.03 -21.03 18.19
CA GLU A 224 18.79 -22.45 18.40
C GLU A 224 20.10 -23.22 18.38
N LYS A 225 20.88 -23.04 17.31
CA LYS A 225 22.17 -23.71 17.17
C LYS A 225 23.06 -23.39 18.37
N LEU A 226 23.08 -22.12 18.77
CA LEU A 226 23.89 -21.70 19.89
C LEU A 226 23.22 -21.94 21.22
N GLY A 227 22.01 -22.52 21.21
CA GLY A 227 21.23 -22.74 22.41
C GLY A 227 20.98 -21.49 23.23
N VAL A 228 20.61 -20.39 22.58
CA VAL A 228 20.10 -19.21 23.27
C VAL A 228 18.59 -19.20 23.13
N LYS A 229 17.91 -18.83 24.20
CA LYS A 229 16.45 -18.68 24.18
C LYS A 229 16.16 -17.25 23.73
N PHE A 230 15.63 -17.10 22.52
CA PHE A 230 15.36 -15.78 21.97
C PHE A 230 14.12 -15.19 22.65
N ILE A 231 14.33 -14.50 23.77
CA ILE A 231 13.23 -13.94 24.54
C ILE A 231 13.13 -12.46 24.20
N LEU A 232 12.11 -12.11 23.43
CA LEU A 232 11.80 -10.72 23.10
C LEU A 232 10.46 -10.26 23.65
N GLY A 233 9.49 -11.15 23.79
CA GLY A 233 8.20 -10.76 24.33
C GLY A 233 8.33 -10.36 25.79
N ARG A 234 7.69 -9.24 26.13
CA ARG A 234 7.56 -8.83 27.54
C ARG A 234 6.90 -9.89 28.41
N GLU A 235 6.41 -10.99 27.82
CA GLU A 235 5.74 -12.06 28.52
C GLU A 235 6.56 -13.34 28.57
N GLY A 236 7.79 -13.31 28.07
CA GLY A 236 8.71 -14.43 28.18
C GLY A 236 8.71 -15.41 27.04
N SER A 237 8.26 -15.00 25.86
CA SER A 237 8.13 -15.93 24.76
C SER A 237 9.09 -15.55 23.64
N GLU A 238 9.34 -16.52 22.77
CA GLU A 238 10.06 -16.28 21.54
C GLU A 238 9.14 -15.55 20.58
N PRO A 239 9.69 -14.91 19.55
CA PRO A 239 8.84 -14.40 18.48
C PRO A 239 7.96 -15.52 17.94
N LYS A 240 6.71 -15.19 17.64
CA LYS A 240 5.73 -16.14 17.11
C LYS A 240 5.60 -15.91 15.60
N ILE A 241 5.57 -17.00 14.83
CA ILE A 241 5.78 -16.93 13.37
C ILE A 241 4.54 -17.49 12.68
N GLN A 242 3.59 -16.59 12.35
CA GLN A 242 2.39 -16.90 11.58
C GLN A 242 2.69 -17.03 10.08
N ARG A 243 1.78 -17.69 9.37
CA ARG A 243 1.74 -17.66 7.92
C ARG A 243 0.83 -16.52 7.47
N MET A 244 1.11 -15.98 6.29
CA MET A 244 0.21 -15.03 5.62
C MET A 244 0.46 -15.20 4.13
N GLY A 245 -0.42 -15.92 3.45
CA GLY A 245 -0.05 -16.34 2.11
C GLY A 245 1.12 -17.29 2.19
N ASP A 246 1.93 -17.31 1.12
CA ASP A 246 3.13 -18.13 1.16
C ASP A 246 4.10 -17.62 2.21
N ARG A 247 4.36 -16.32 2.19
CA ARG A 247 5.31 -15.70 3.11
C ARG A 247 4.73 -15.69 4.53
N PHE A 248 5.55 -15.27 5.48
CA PHE A 248 5.24 -15.35 6.89
C PHE A 248 5.21 -13.97 7.51
N ALA A 249 4.81 -13.93 8.78
CA ALA A 249 4.86 -12.71 9.57
C ALA A 249 5.15 -13.10 11.00
N VAL A 250 5.67 -12.13 11.76
CA VAL A 250 6.20 -12.39 13.09
C VAL A 250 5.54 -11.45 14.09
N GLU A 251 5.08 -12.02 15.20
CA GLU A 251 4.57 -11.25 16.32
C GLU A 251 5.58 -11.28 17.46
N VAL A 252 5.61 -10.21 18.24
CA VAL A 252 6.42 -10.13 19.46
C VAL A 252 5.45 -9.69 20.55
N LYS A 253 4.99 -10.64 21.35
CA LYS A 253 3.93 -10.41 22.31
C LYS A 253 4.30 -9.28 23.26
N GLY A 254 3.35 -8.35 23.49
CA GLY A 254 3.57 -7.20 24.33
C GLY A 254 4.20 -6.02 23.63
N ARG A 255 4.81 -6.24 22.47
CA ARG A 255 5.34 -5.18 21.62
C ARG A 255 4.67 -5.26 20.26
N ILE A 256 4.90 -4.24 19.43
CA ILE A 256 4.40 -4.22 18.06
C ILE A 256 5.59 -4.44 17.13
N HIS A 257 5.60 -5.56 16.42
CA HIS A 257 6.61 -5.70 15.40
C HIS A 257 6.09 -5.02 14.14
N PHE A 258 6.59 -3.81 13.91
CA PHE A 258 6.28 -3.00 12.74
C PHE A 258 7.29 -3.37 11.66
N ASP A 259 6.86 -4.22 10.71
CA ASP A 259 7.65 -4.47 9.52
C ASP A 259 7.26 -3.47 8.42
N LEU A 260 8.23 -2.65 8.00
CA LEU A 260 7.94 -1.61 7.02
C LEU A 260 7.73 -2.15 5.61
N TYR A 261 8.18 -3.36 5.31
CA TYR A 261 8.09 -3.84 3.94
C TYR A 261 6.66 -3.97 3.45
N PRO A 262 5.76 -4.67 4.14
CA PRO A 262 4.37 -4.71 3.64
C PRO A 262 3.78 -3.32 3.53
N VAL A 263 4.16 -2.43 4.46
CA VAL A 263 3.58 -1.10 4.53
C VAL A 263 4.05 -0.26 3.34
N ILE A 264 5.35 -0.27 3.05
CA ILE A 264 5.88 0.51 1.93
C ILE A 264 5.30 -0.02 0.63
N ARG A 265 5.35 -1.34 0.45
CA ARG A 265 4.98 -1.93 -0.83
C ARG A 265 3.55 -1.59 -1.21
N ARG A 266 2.72 -1.18 -0.25
CA ARG A 266 1.36 -0.77 -0.54
C ARG A 266 1.15 0.73 -0.44
N THR A 267 2.19 1.50 -0.13
CA THR A 267 2.07 2.95 -0.22
C THR A 267 2.69 3.41 -1.54
N ILE A 268 3.90 3.97 -1.47
CA ILE A 268 4.53 4.53 -2.66
C ILE A 268 5.01 3.41 -3.59
N TRP A 269 4.64 3.52 -4.86
CA TRP A 269 5.03 2.51 -5.84
C TRP A 269 6.46 2.78 -6.30
N LEU A 270 7.38 1.97 -5.83
CA LEU A 270 8.75 1.94 -6.28
C LEU A 270 8.90 0.89 -7.37
N PRO A 271 9.96 0.95 -8.19
CA PRO A 271 10.17 -0.12 -9.15
C PRO A 271 10.55 -1.41 -8.46
N THR A 272 11.60 -1.37 -7.65
CA THR A 272 11.97 -2.47 -6.78
C THR A 272 11.86 -2.04 -5.33
N TYR A 273 11.95 -3.02 -4.44
CA TYR A 273 11.60 -2.74 -3.06
C TYR A 273 12.72 -3.06 -2.09
N THR A 274 13.93 -2.60 -2.41
CA THR A 274 15.07 -2.71 -1.50
C THR A 274 15.01 -1.61 -0.47
N LEU A 275 15.73 -1.82 0.64
CA LEU A 275 15.82 -0.77 1.65
C LEU A 275 16.46 0.50 1.08
N GLU A 276 17.37 0.34 0.11
CA GLU A 276 17.99 1.50 -0.52
C GLU A 276 17.00 2.21 -1.44
N ALA A 277 16.28 1.43 -2.26
CA ALA A 277 15.24 2.01 -3.09
C ALA A 277 14.28 2.83 -2.25
N VAL A 278 13.82 2.26 -1.14
CA VAL A 278 12.87 2.94 -0.25
C VAL A 278 13.46 4.25 0.22
N TYR A 279 14.63 4.19 0.86
CA TYR A 279 15.18 5.38 1.48
C TYR A 279 15.39 6.50 0.47
N GLU A 280 15.90 6.17 -0.72
CA GLU A 280 16.19 7.23 -1.68
C GLU A 280 14.91 7.76 -2.32
N ALA A 281 13.86 6.94 -2.38
CA ALA A 281 12.56 7.40 -2.87
C ALA A 281 11.57 7.63 -1.75
N ILE A 282 12.03 8.13 -0.59
CA ILE A 282 11.15 8.57 0.49
C ILE A 282 11.76 9.82 1.10
N PHE A 283 13.07 9.77 1.36
CA PHE A 283 13.74 10.85 2.07
C PHE A 283 14.53 11.78 1.15
N GLY A 284 15.06 11.27 0.04
CA GLY A 284 15.81 12.12 -0.88
C GLY A 284 17.28 11.77 -1.01
N GLN A 285 17.95 11.56 0.13
CA GLN A 285 19.37 11.23 0.16
C GLN A 285 19.55 9.85 -0.45
N PRO A 286 20.79 9.47 -0.84
CA PRO A 286 21.06 8.07 -1.21
C PRO A 286 21.60 7.21 -0.09
N LYS A 287 21.65 5.90 -0.33
CA LYS A 287 22.18 4.93 0.63
C LYS A 287 22.96 3.85 -0.11
N GLU A 288 24.14 3.52 0.43
CA GLU A 288 25.00 2.52 -0.18
C GLU A 288 24.56 1.11 0.20
N LYS A 289 24.50 0.22 -0.79
CA LYS A 289 24.35 -1.21 -0.58
C LYS A 289 25.72 -1.88 -0.59
N VAL A 290 25.91 -2.84 0.30
CA VAL A 290 27.09 -3.71 0.30
C VAL A 290 26.59 -5.13 0.07
N TYR A 291 26.92 -5.70 -1.10
CA TYR A 291 26.45 -7.03 -1.44
C TYR A 291 26.81 -8.05 -0.36
N ALA A 292 26.16 -9.20 -0.38
CA ALA A 292 26.50 -10.27 0.55
C ALA A 292 27.93 -10.74 0.35
N GLU A 293 28.34 -10.90 -0.91
CA GLU A 293 29.66 -11.47 -1.20
C GLU A 293 30.79 -10.60 -0.68
N GLU A 294 30.64 -9.27 -0.75
CA GLU A 294 31.66 -8.40 -0.19
C GLU A 294 31.74 -8.50 1.32
N ILE A 295 30.59 -8.67 1.98
CA ILE A 295 30.61 -8.82 3.43
C ILE A 295 31.40 -10.06 3.84
N ALA A 296 31.22 -11.15 3.10
CA ALA A 296 32.00 -12.37 3.38
C ALA A 296 33.49 -12.10 3.19
N GLN A 297 33.84 -11.40 2.11
CA GLN A 297 35.21 -10.97 1.87
C GLN A 297 35.75 -10.15 3.04
N ALA A 298 34.98 -9.15 3.48
CA ALA A 298 35.48 -8.24 4.51
C ALA A 298 35.67 -8.93 5.86
N TRP A 299 34.85 -9.94 6.19
CA TRP A 299 34.91 -10.60 7.49
C TRP A 299 36.08 -11.57 7.58
N GLU A 300 36.37 -12.27 6.47
CA GLU A 300 37.57 -13.11 6.40
C GLU A 300 38.85 -12.28 6.38
N THR A 301 38.76 -11.04 5.90
CA THR A 301 39.86 -10.07 5.86
C THR A 301 39.98 -9.36 7.21
N GLY A 302 41.08 -8.62 7.39
CA GLY A 302 41.15 -7.60 8.41
C GLY A 302 40.29 -6.38 8.09
N GLU A 303 40.77 -5.53 7.20
CA GLU A 303 40.10 -4.26 6.94
C GLU A 303 39.02 -4.43 5.86
N GLY A 304 38.27 -3.35 5.63
CA GLY A 304 37.00 -3.42 4.94
C GLY A 304 35.83 -3.60 5.88
N LEU A 305 36.11 -3.95 7.14
CA LEU A 305 35.09 -4.14 8.16
C LEU A 305 34.51 -2.83 8.66
N GLU A 306 35.16 -1.70 8.38
CA GLU A 306 34.60 -0.44 8.81
C GLU A 306 33.49 0.02 7.88
N ARG A 307 33.65 -0.27 6.59
CA ARG A 307 32.63 0.04 5.60
C ARG A 307 31.37 -0.77 5.82
N VAL A 308 31.52 -2.06 6.12
CA VAL A 308 30.37 -2.91 6.34
C VAL A 308 29.63 -2.49 7.60
N ALA A 309 30.38 -2.21 8.68
CA ALA A 309 29.77 -1.74 9.91
C ALA A 309 29.05 -0.41 9.68
N ARG A 310 29.54 0.41 8.75
CA ARG A 310 28.80 1.59 8.33
C ARG A 310 27.49 1.17 7.67
N TYR A 311 27.54 0.20 6.76
CA TYR A 311 26.34 -0.27 6.07
C TYR A 311 25.34 -0.91 7.05
N SER A 312 25.84 -1.56 8.11
CA SER A 312 24.96 -2.17 9.10
C SER A 312 24.24 -1.11 9.93
N MET A 313 24.98 -0.16 10.50
CA MET A 313 24.35 0.91 11.26
C MET A 313 23.46 1.75 10.36
N GLU A 314 23.80 1.82 9.07
CA GLU A 314 22.99 2.57 8.11
C GLU A 314 21.77 1.77 7.67
N ASP A 315 21.75 0.46 7.89
CA ASP A 315 20.47 -0.24 7.83
C ASP A 315 19.58 0.16 9.00
N ALA A 316 20.17 0.38 10.18
CA ALA A 316 19.36 0.57 11.38
C ALA A 316 18.82 2.00 11.50
N LYS A 317 19.63 3.03 11.20
CA LYS A 317 19.16 4.39 11.42
C LYS A 317 18.11 4.80 10.39
N VAL A 318 18.15 4.23 9.18
CA VAL A 318 17.14 4.56 8.18
C VAL A 318 15.84 3.85 8.48
N THR A 319 15.90 2.59 8.93
CA THR A 319 14.69 1.88 9.30
C THR A 319 13.95 2.62 10.41
N TYR A 320 14.70 3.13 11.38
CA TYR A 320 14.09 3.92 12.44
C TYR A 320 13.53 5.24 11.92
N GLU A 321 14.24 5.88 10.98
CA GLU A 321 13.71 7.08 10.34
C GLU A 321 12.47 6.75 9.54
N LEU A 322 12.53 5.72 8.70
CA LEU A 322 11.37 5.31 7.93
C LEU A 322 10.22 4.89 8.84
N GLY A 323 10.53 4.17 9.91
CA GLY A 323 9.50 3.81 10.87
C GLY A 323 8.89 5.04 11.52
N LYS A 324 9.69 6.05 11.80
CA LYS A 324 9.08 7.28 12.34
C LYS A 324 8.17 7.96 11.33
N GLU A 325 8.43 7.78 10.04
CA GLU A 325 7.54 8.34 9.03
C GLU A 325 6.24 7.56 8.95
N PHE A 326 6.31 6.24 8.83
CA PHE A 326 5.12 5.46 8.49
C PHE A 326 4.32 4.98 9.70
N PHE A 327 4.86 5.08 10.92
CA PHE A 327 4.15 4.55 12.08
C PHE A 327 2.92 5.35 12.43
N PRO A 328 2.98 6.67 12.63
CA PRO A 328 1.77 7.41 13.03
C PRO A 328 0.64 7.29 12.02
N MET A 329 0.98 7.19 10.73
CA MET A 329 0.00 6.77 9.74
C MET A 329 -0.71 5.50 10.14
N GLU A 330 0.06 4.47 10.51
CA GLU A 330 -0.57 3.19 10.84
C GLU A 330 -1.26 3.23 12.20
N ALA A 331 -0.76 4.03 13.14
CA ALA A 331 -1.51 4.24 14.37
C ALA A 331 -2.87 4.86 14.07
N GLN A 332 -2.90 5.91 13.24
CA GLN A 332 -4.19 6.47 12.81
C GLN A 332 -5.04 5.44 12.09
N LEU A 333 -4.43 4.61 11.24
CA LEU A 333 -5.22 3.61 10.52
C LEU A 333 -5.79 2.57 11.48
N SER A 334 -5.04 2.21 12.52
CA SER A 334 -5.57 1.27 13.51
C SER A 334 -6.77 1.86 14.25
N ARG A 335 -6.70 3.13 14.64
CA ARG A 335 -7.84 3.76 15.30
C ARG A 335 -9.09 3.70 14.44
N LEU A 336 -8.94 3.98 13.15
CA LEU A 336 -10.09 4.12 12.24
C LEU A 336 -10.77 2.77 12.00
N VAL A 337 -9.97 1.76 11.67
CA VAL A 337 -10.47 0.41 11.40
C VAL A 337 -10.84 -0.33 12.68
N GLY A 338 -10.30 0.04 13.83
CA GLY A 338 -10.62 -0.66 15.06
C GLY A 338 -9.87 -1.96 15.27
N GLN A 339 -8.67 -2.12 14.69
CA GLN A 339 -7.89 -3.33 14.85
C GLN A 339 -6.45 -2.96 15.12
N SER A 340 -5.68 -3.95 15.57
CA SER A 340 -4.34 -3.69 16.08
C SER A 340 -3.46 -3.18 14.96
N LEU A 341 -2.44 -2.41 15.36
CA LEU A 341 -1.47 -1.93 14.38
C LEU A 341 -0.82 -3.10 13.66
N TRP A 342 -0.53 -4.20 14.39
CA TRP A 342 0.07 -5.38 13.78
C TRP A 342 -0.77 -5.86 12.60
N ASP A 343 -2.07 -6.09 12.82
CA ASP A 343 -2.92 -6.58 11.73
C ASP A 343 -3.13 -5.52 10.67
N VAL A 344 -3.31 -4.27 11.12
CA VAL A 344 -3.61 -3.18 10.20
C VAL A 344 -2.52 -3.05 9.15
N SER A 345 -1.27 -3.04 9.59
CA SER A 345 -0.14 -2.78 8.68
C SER A 345 0.18 -3.94 7.75
N ARG A 346 -0.44 -5.11 7.91
CA ARG A 346 -0.12 -6.25 7.08
C ARG A 346 -1.32 -6.70 6.25
N SER A 347 -2.33 -5.85 6.08
CA SER A 347 -3.59 -6.31 5.52
C SER A 347 -3.97 -5.54 4.27
N SER A 348 -4.66 -6.24 3.35
CA SER A 348 -5.13 -5.66 2.10
C SER A 348 -6.32 -4.74 2.33
N THR A 349 -6.47 -3.78 1.43
CA THR A 349 -7.41 -2.68 1.62
C THR A 349 -8.83 -3.18 1.82
N GLY A 350 -9.29 -4.07 0.94
CA GLY A 350 -10.62 -4.62 1.09
C GLY A 350 -10.81 -5.32 2.41
N ASN A 351 -9.73 -5.90 2.95
CA ASN A 351 -9.80 -6.53 4.27
C ASN A 351 -9.95 -5.50 5.38
N LEU A 352 -9.27 -4.35 5.27
CA LEU A 352 -9.49 -3.30 6.27
C LEU A 352 -10.88 -2.68 6.14
N VAL A 353 -11.45 -2.66 4.94
CA VAL A 353 -12.80 -2.12 4.85
C VAL A 353 -13.75 -3.05 5.61
N GLU A 354 -13.52 -4.35 5.53
CA GLU A 354 -14.41 -5.36 6.10
C GLU A 354 -14.33 -5.38 7.62
N TRP A 355 -13.15 -5.10 8.19
CA TRP A 355 -13.08 -5.01 9.65
C TRP A 355 -13.74 -3.75 10.17
N PHE A 356 -13.60 -2.62 9.45
CA PHE A 356 -14.40 -1.42 9.74
C PHE A 356 -15.89 -1.75 9.70
N LEU A 357 -16.33 -2.46 8.64
CA LEU A 357 -17.74 -2.76 8.47
C LEU A 357 -18.24 -3.73 9.53
N LEU A 358 -17.43 -4.74 9.87
CA LEU A 358 -17.85 -5.66 10.92
C LEU A 358 -18.03 -4.93 12.23
N ARG A 359 -17.16 -3.97 12.52
CA ARG A 359 -17.33 -3.24 13.77
C ARG A 359 -18.62 -2.41 13.74
N LYS A 360 -18.93 -1.82 12.59
CA LYS A 360 -20.12 -0.99 12.46
C LYS A 360 -21.38 -1.85 12.50
N ALA A 361 -21.35 -3.01 11.83
CA ALA A 361 -22.50 -3.91 11.88
C ALA A 361 -22.79 -4.34 13.31
N TYR A 362 -21.77 -4.53 14.12
CA TYR A 362 -22.04 -4.89 15.50
C TYR A 362 -22.66 -3.72 16.25
N GLU A 363 -22.13 -2.52 16.02
CA GLU A 363 -22.61 -1.35 16.75
C GLU A 363 -24.07 -1.10 16.43
N ARG A 364 -24.49 -1.42 15.21
CA ARG A 364 -25.84 -1.19 14.71
C ARG A 364 -26.71 -2.44 14.76
N ASN A 365 -26.26 -3.53 15.41
CA ASN A 365 -27.01 -4.79 15.49
C ASN A 365 -27.38 -5.31 14.11
N GLU A 366 -26.44 -5.19 13.18
CA GLU A 366 -26.61 -5.64 11.80
C GLU A 366 -25.86 -6.97 11.61
N LEU A 367 -26.62 -8.02 11.30
CA LEU A 367 -26.02 -9.33 11.07
C LEU A 367 -25.11 -9.31 9.84
N ALA A 368 -23.92 -9.94 9.98
CA ALA A 368 -23.00 -9.87 8.84
C ALA A 368 -23.33 -10.96 7.84
N PRO A 369 -23.39 -10.66 6.53
CA PRO A 369 -23.43 -11.74 5.55
C PRO A 369 -22.10 -12.48 5.56
N ASN A 370 -22.10 -13.64 4.91
CA ASN A 370 -20.95 -14.54 4.91
C ASN A 370 -20.06 -14.27 3.71
N LYS A 371 -18.77 -14.57 3.88
CA LYS A 371 -17.87 -14.58 2.72
C LYS A 371 -18.35 -15.61 1.70
N PRO A 372 -18.13 -15.39 0.42
CA PRO A 372 -18.66 -16.32 -0.59
C PRO A 372 -17.96 -17.67 -0.57
N ASP A 373 -18.72 -18.72 -0.89
CA ASP A 373 -18.08 -20.01 -1.14
C ASP A 373 -17.35 -19.98 -2.46
N GLU A 374 -16.55 -21.03 -2.70
CA GLU A 374 -15.72 -21.07 -3.90
C GLU A 374 -16.53 -20.91 -5.17
N ARG A 375 -17.73 -21.49 -5.20
CA ARG A 375 -18.50 -21.44 -6.44
C ARG A 375 -19.16 -20.08 -6.65
N GLU A 376 -19.74 -19.50 -5.60
CA GLU A 376 -20.24 -18.13 -5.72
C GLU A 376 -19.10 -17.16 -6.04
N LEU A 377 -17.93 -17.39 -5.45
CA LEU A 377 -16.80 -16.49 -5.65
C LEU A 377 -16.34 -16.50 -7.10
N ALA A 378 -16.56 -17.60 -7.80
CA ALA A 378 -16.27 -17.66 -9.23
C ALA A 378 -17.40 -17.03 -10.04
N ARG A 379 -18.62 -17.04 -9.52
CA ARG A 379 -19.72 -16.34 -10.18
C ARG A 379 -19.48 -14.82 -10.15
N ARG A 380 -18.84 -14.30 -9.10
CA ARG A 380 -18.63 -12.85 -8.99
C ARG A 380 -17.35 -12.46 -9.71
N ARG A 381 -17.27 -12.84 -11.00
CA ARG A 381 -16.07 -12.54 -11.78
C ARG A 381 -16.36 -11.54 -12.89
N GLU A 382 -17.31 -10.63 -12.69
CA GLU A 382 -17.61 -9.67 -13.74
C GLU A 382 -16.43 -8.73 -13.96
N SER A 383 -16.24 -8.32 -15.21
CA SER A 383 -15.44 -7.14 -15.50
C SER A 383 -16.29 -5.90 -15.30
N TYR A 384 -15.71 -4.88 -14.70
CA TYR A 384 -16.47 -3.67 -14.40
C TYR A 384 -16.24 -2.59 -15.45
N ALA A 385 -17.07 -1.56 -15.35
CA ALA A 385 -17.27 -0.61 -16.43
C ALA A 385 -16.25 0.51 -16.43
N GLY A 386 -15.83 1.01 -15.28
CA GLY A 386 -14.90 2.11 -15.34
C GLY A 386 -15.50 3.42 -15.84
N GLY A 387 -15.01 4.52 -15.28
CA GLY A 387 -15.65 5.81 -15.50
C GLY A 387 -15.29 6.44 -16.83
N TYR A 388 -15.81 7.65 -17.02
CA TYR A 388 -15.79 8.32 -18.32
C TYR A 388 -14.41 8.88 -18.63
N VAL A 389 -13.85 8.50 -19.78
CA VAL A 389 -12.56 9.01 -20.27
C VAL A 389 -12.76 9.63 -21.64
N LYS A 390 -12.48 10.92 -21.76
CA LYS A 390 -12.64 11.61 -23.03
C LYS A 390 -11.34 11.53 -23.84
N GLU A 391 -11.48 11.20 -25.13
CA GLU A 391 -10.40 11.36 -26.10
C GLU A 391 -9.95 12.81 -26.12
N PRO A 392 -8.70 13.10 -25.78
CA PRO A 392 -8.31 14.48 -25.55
C PRO A 392 -8.11 15.28 -26.84
N GLU A 393 -8.30 16.60 -26.73
CA GLU A 393 -7.92 17.54 -27.80
C GLU A 393 -6.40 17.49 -27.98
N ARG A 394 -5.95 17.40 -29.21
CA ARG A 394 -4.54 17.23 -29.44
C ARG A 394 -3.80 18.58 -29.38
N GLY A 395 -2.50 18.53 -29.11
CA GLY A 395 -1.68 19.74 -29.22
C GLY A 395 -1.58 20.53 -27.94
N LEU A 396 -1.02 21.73 -28.06
CA LEU A 396 -0.63 22.55 -26.91
C LEU A 396 -1.68 23.64 -26.66
N TRP A 397 -2.04 23.81 -25.38
CA TRP A 397 -3.05 24.78 -24.99
C TRP A 397 -2.55 25.55 -23.78
N GLU A 398 -3.16 26.73 -23.55
CA GLU A 398 -2.83 27.56 -22.40
C GLU A 398 -4.08 27.91 -21.59
N ASN A 399 -3.85 28.33 -20.35
CA ASN A 399 -4.90 28.85 -19.46
C ASN A 399 -5.98 27.79 -19.23
N ILE A 400 -5.58 26.73 -18.50
CA ILE A 400 -6.40 25.53 -18.28
C ILE A 400 -6.77 25.45 -16.81
N VAL A 401 -8.04 25.12 -16.54
CA VAL A 401 -8.46 24.75 -15.19
C VAL A 401 -8.66 23.23 -15.12
N TYR A 402 -8.28 22.64 -14.00
CA TYR A 402 -8.72 21.30 -13.64
C TYR A 402 -9.86 21.46 -12.66
N LEU A 403 -11.05 21.02 -13.05
CA LEU A 403 -12.18 20.97 -12.15
C LEU A 403 -12.47 19.52 -11.84
N ASP A 404 -12.81 19.23 -10.57
CA ASP A 404 -13.14 17.86 -10.19
C ASP A 404 -14.22 17.80 -9.13
N PHE A 405 -14.80 16.59 -9.01
CA PHE A 405 -15.86 16.29 -8.06
C PHE A 405 -15.27 15.94 -6.70
N ARG A 406 -15.81 16.56 -5.67
CA ARG A 406 -15.40 16.27 -4.31
C ARG A 406 -15.95 14.88 -3.92
N SER A 407 -15.06 13.91 -3.70
CA SER A 407 -15.40 12.53 -3.34
C SER A 407 -16.56 12.02 -4.18
N LEU A 408 -16.30 11.82 -5.47
CA LEU A 408 -17.41 11.52 -6.39
C LEU A 408 -18.15 10.26 -6.00
N TYR A 409 -17.44 9.18 -5.71
CA TYR A 409 -18.20 7.95 -5.52
C TYR A 409 -18.90 7.93 -4.16
N PRO A 410 -18.23 8.29 -3.06
CA PRO A 410 -18.99 8.51 -1.80
C PRO A 410 -20.20 9.44 -1.96
N SER A 411 -19.99 10.63 -2.53
CA SER A 411 -21.09 11.55 -2.79
C SER A 411 -22.30 10.85 -3.40
N ILE A 412 -22.06 9.97 -4.36
CA ILE A 412 -23.14 9.29 -5.06
C ILE A 412 -23.78 8.23 -4.17
N ILE A 413 -22.96 7.46 -3.45
CA ILE A 413 -23.52 6.39 -2.65
C ILE A 413 -24.50 6.96 -1.62
N ILE A 414 -24.10 8.04 -0.96
CA ILE A 414 -24.98 8.71 -0.02
C ILE A 414 -26.14 9.33 -0.77
N THR A 415 -25.84 10.14 -1.78
CA THR A 415 -26.87 10.93 -2.43
C THR A 415 -27.99 10.05 -2.97
N HIS A 416 -27.65 8.87 -3.48
CA HIS A 416 -28.64 8.00 -4.09
C HIS A 416 -28.95 6.79 -3.23
N ASN A 417 -28.50 6.79 -1.98
CA ASN A 417 -28.79 5.71 -1.04
C ASN A 417 -28.52 4.34 -1.63
N VAL A 418 -27.32 4.19 -2.24
CA VAL A 418 -26.94 2.98 -2.97
C VAL A 418 -26.39 1.98 -1.97
N SER A 419 -27.01 0.80 -1.91
CA SER A 419 -26.75 -0.19 -0.87
C SER A 419 -27.42 -1.50 -1.25
N PRO A 420 -26.76 -2.65 -1.02
CA PRO A 420 -27.47 -3.92 -1.22
C PRO A 420 -28.82 -3.93 -0.53
N ASP A 421 -28.92 -3.32 0.66
CA ASP A 421 -30.16 -3.45 1.40
C ASP A 421 -31.26 -2.51 0.88
N THR A 422 -30.94 -1.60 -0.04
CA THR A 422 -31.94 -0.74 -0.68
C THR A 422 -32.16 -1.08 -2.14
N LEU A 423 -31.69 -2.22 -2.61
CA LEU A 423 -31.69 -2.49 -4.04
C LEU A 423 -33.02 -3.13 -4.40
N ASN A 424 -33.65 -2.64 -5.48
CA ASN A 424 -34.94 -3.12 -5.96
C ASN A 424 -35.85 -3.64 -4.84
N ARG A 425 -36.15 -2.77 -3.87
CA ARG A 425 -37.10 -3.09 -2.81
C ARG A 425 -38.52 -2.85 -3.30
N GLU A 426 -39.45 -3.63 -2.77
CA GLU A 426 -40.81 -3.70 -3.27
C GLU A 426 -41.72 -2.78 -2.48
N GLY A 427 -42.69 -2.20 -3.18
CA GLY A 427 -43.57 -1.22 -2.55
C GLY A 427 -42.82 -0.03 -2.00
N CYS A 428 -41.79 0.42 -2.72
CA CYS A 428 -41.00 1.54 -2.25
C CYS A 428 -41.69 2.83 -2.63
N GLY A 429 -41.75 3.76 -1.68
CA GLY A 429 -42.38 5.03 -1.97
C GLY A 429 -41.49 6.01 -2.68
N GLU A 430 -40.16 5.83 -2.58
CA GLU A 430 -39.21 6.83 -3.04
C GLU A 430 -37.93 6.14 -3.51
N TYR A 431 -37.65 6.22 -4.80
CA TYR A 431 -36.45 5.58 -5.32
C TYR A 431 -35.75 6.44 -6.37
N ASP A 432 -34.43 6.26 -6.44
CA ASP A 432 -33.60 6.80 -7.51
C ASP A 432 -33.24 5.68 -8.47
N VAL A 433 -33.26 5.98 -9.77
CA VAL A 433 -33.01 5.00 -10.82
C VAL A 433 -31.60 5.22 -11.35
N ALA A 434 -30.71 4.26 -11.15
CA ALA A 434 -29.36 4.31 -11.71
C ALA A 434 -29.44 4.39 -13.24
N PRO A 435 -28.74 5.34 -13.87
CA PRO A 435 -28.75 5.41 -15.34
C PRO A 435 -28.15 4.15 -15.95
N GLN A 436 -28.59 3.87 -17.18
CA GLN A 436 -28.09 2.75 -17.97
C GLN A 436 -28.50 1.41 -17.43
N VAL A 437 -28.11 1.11 -16.19
CA VAL A 437 -28.37 -0.23 -15.68
C VAL A 437 -29.80 -0.36 -15.13
N GLY A 438 -30.43 0.76 -14.76
CA GLY A 438 -31.82 0.75 -14.31
C GLY A 438 -32.08 0.19 -12.93
N HIS A 439 -31.08 0.04 -12.08
CA HIS A 439 -31.33 -0.45 -10.73
C HIS A 439 -32.03 0.64 -9.90
N LYS A 440 -33.08 0.24 -9.16
CA LYS A 440 -33.87 1.17 -8.36
C LYS A 440 -33.46 1.08 -6.89
N PHE A 441 -33.07 2.21 -6.31
CA PHE A 441 -32.55 2.24 -4.94
C PHE A 441 -33.56 2.96 -4.05
N CYS A 442 -34.16 2.20 -3.14
CA CYS A 442 -35.20 2.75 -2.27
C CYS A 442 -34.57 3.80 -1.36
N LYS A 443 -35.31 4.85 -1.10
CA LYS A 443 -34.81 5.90 -0.22
C LYS A 443 -35.70 6.04 1.00
N ASP A 444 -36.67 5.15 1.18
CA ASP A 444 -37.54 5.26 2.35
C ASP A 444 -36.76 5.14 3.65
N PHE A 445 -35.57 4.51 3.62
CA PHE A 445 -34.76 4.36 4.82
C PHE A 445 -33.29 4.43 4.45
N PRO A 446 -32.43 4.90 5.34
CA PRO A 446 -30.99 4.96 5.06
C PRO A 446 -30.42 3.57 4.85
N GLY A 447 -29.69 3.40 3.74
CA GLY A 447 -28.98 2.16 3.53
C GLY A 447 -27.86 2.01 4.55
N PHE A 448 -27.51 0.75 4.82
CA PHE A 448 -26.44 0.49 5.78
C PHE A 448 -25.15 1.19 5.38
N ILE A 449 -24.67 0.98 4.15
CA ILE A 449 -23.42 1.63 3.76
C ILE A 449 -23.58 3.15 3.76
N PRO A 450 -24.58 3.73 3.08
CA PRO A 450 -24.70 5.19 3.10
C PRO A 450 -24.71 5.75 4.51
N SER A 451 -25.38 5.05 5.43
CA SER A 451 -25.51 5.58 6.78
C SER A 451 -24.17 5.59 7.49
N LEU A 452 -23.23 4.74 7.07
CA LEU A 452 -21.87 4.77 7.64
C LEU A 452 -21.03 5.83 6.99
N LEU A 453 -21.19 5.97 5.68
CA LEU A 453 -20.34 6.86 4.89
C LEU A 453 -20.57 8.33 5.25
N GLY A 454 -21.83 8.73 5.44
CA GLY A 454 -22.15 10.10 5.79
C GLY A 454 -21.35 10.62 6.98
N PRO A 455 -21.41 9.91 8.11
CA PRO A 455 -20.56 10.30 9.25
C PRO A 455 -19.07 10.30 8.95
N LEU A 456 -18.58 9.40 8.10
CA LEU A 456 -17.16 9.46 7.73
C LEU A 456 -16.82 10.79 7.05
N LEU A 457 -17.53 11.13 5.96
CA LEU A 457 -17.25 12.39 5.29
C LEU A 457 -17.37 13.58 6.23
N GLU A 458 -18.41 13.60 7.06
CA GLU A 458 -18.54 14.64 8.06
C GLU A 458 -17.31 14.72 8.93
N GLU A 459 -16.95 13.59 9.54
CA GLU A 459 -15.77 13.54 10.39
C GLU A 459 -14.52 14.02 9.68
N ARG A 460 -14.36 13.65 8.40
CA ARG A 460 -13.21 14.11 7.64
C ARG A 460 -13.11 15.63 7.65
N GLN A 461 -14.23 16.30 7.38
CA GLN A 461 -14.23 17.75 7.32
C GLN A 461 -13.92 18.34 8.69
N LYS A 462 -14.44 17.70 9.74
CA LYS A 462 -14.19 18.18 11.10
C LYS A 462 -12.71 18.01 11.43
N VAL A 463 -12.08 16.97 10.90
CA VAL A 463 -10.67 16.79 11.18
C VAL A 463 -9.83 17.81 10.40
N LYS A 464 -10.18 18.08 9.14
CA LYS A 464 -9.48 19.12 8.40
C LYS A 464 -9.59 20.47 9.10
N LYS A 465 -10.75 20.79 9.69
CA LYS A 465 -10.85 22.07 10.39
C LYS A 465 -9.92 22.10 11.60
N LYS A 466 -9.87 21.01 12.36
CA LYS A 466 -8.97 20.96 13.49
C LYS A 466 -7.52 21.02 13.04
N MET A 467 -7.18 20.32 11.95
CA MET A 467 -5.83 20.40 11.37
C MET A 467 -5.39 21.85 11.18
N LYS A 468 -6.20 22.63 10.46
CA LYS A 468 -5.83 24.01 10.14
C LYS A 468 -5.89 24.92 11.37
N ALA A 469 -6.72 24.60 12.37
CA ALA A 469 -6.82 25.47 13.54
C ALA A 469 -5.76 25.18 14.59
N THR A 470 -5.07 24.06 14.54
CA THR A 470 -4.08 23.78 15.56
C THR A 470 -2.70 24.20 15.07
N ILE A 471 -2.00 24.96 15.93
CA ILE A 471 -0.71 25.55 15.63
C ILE A 471 0.42 24.51 15.63
N ASP A 472 0.24 23.40 16.36
CA ASP A 472 1.30 22.41 16.62
C ASP A 472 1.50 21.47 15.45
N PRO A 473 2.66 21.47 14.79
CA PRO A 473 2.81 20.69 13.54
C PRO A 473 2.78 19.20 13.74
N ILE A 474 3.20 18.68 14.89
CA ILE A 474 3.07 17.24 15.13
C ILE A 474 1.60 16.87 15.13
N GLU A 475 0.77 17.64 15.83
CA GLU A 475 -0.66 17.41 15.82
C GLU A 475 -1.25 17.58 14.42
N LYS A 476 -0.85 18.67 13.70
CA LYS A 476 -1.34 18.88 12.34
C LYS A 476 -1.14 17.65 11.49
N LYS A 477 0.07 17.07 11.54
CA LYS A 477 0.40 15.91 10.73
C LYS A 477 -0.41 14.69 11.17
N LEU A 478 -0.55 14.48 12.48
CA LEU A 478 -1.46 13.43 12.93
C LEU A 478 -2.85 13.64 12.35
N LEU A 479 -3.39 14.85 12.51
CA LEU A 479 -4.73 15.12 12.01
C LEU A 479 -4.80 14.95 10.50
N ASP A 480 -3.72 15.34 9.80
CA ASP A 480 -3.69 15.18 8.35
C ASP A 480 -3.70 13.71 7.93
N TYR A 481 -2.91 12.87 8.61
CA TYR A 481 -2.99 11.43 8.32
C TYR A 481 -4.42 10.92 8.55
N ARG A 482 -5.00 11.23 9.71
CA ARG A 482 -6.38 10.82 10.01
C ARG A 482 -7.34 11.26 8.91
N GLN A 483 -7.23 12.52 8.51
CA GLN A 483 -8.08 13.03 7.44
C GLN A 483 -7.91 12.22 6.15
N ARG A 484 -6.66 12.07 5.67
CA ARG A 484 -6.42 11.31 4.44
C ARG A 484 -6.93 9.88 4.57
N LEU A 485 -6.69 9.25 5.72
CA LEU A 485 -7.12 7.87 5.90
C LEU A 485 -8.63 7.75 5.86
N ILE A 486 -9.34 8.72 6.47
CA ILE A 486 -10.80 8.69 6.34
C ILE A 486 -11.21 8.74 4.88
N GLY A 487 -10.50 9.55 4.08
CA GLY A 487 -10.88 9.71 2.68
C GLY A 487 -10.57 8.47 1.85
N ILE A 488 -9.45 7.81 2.14
CA ILE A 488 -9.20 6.53 1.47
C ILE A 488 -10.26 5.52 1.89
N LEU A 489 -10.54 5.40 3.19
CA LEU A 489 -11.64 4.53 3.60
C LEU A 489 -12.89 4.83 2.79
N ALA A 490 -13.38 6.09 2.87
CA ALA A 490 -14.63 6.43 2.19
C ALA A 490 -14.56 6.15 0.68
N ASN A 491 -13.40 6.36 0.07
CA ASN A 491 -13.29 6.12 -1.36
C ASN A 491 -13.10 4.64 -1.69
N SER A 492 -12.97 3.78 -0.69
CA SER A 492 -12.83 2.36 -0.93
C SER A 492 -14.16 1.60 -1.01
N PHE A 493 -15.31 2.24 -0.68
CA PHE A 493 -16.57 1.48 -0.67
C PHE A 493 -17.06 1.14 -2.06
N TYR A 494 -16.76 1.97 -3.06
CA TYR A 494 -17.11 1.65 -4.43
C TYR A 494 -16.43 0.37 -4.87
N GLY A 495 -15.12 0.29 -4.69
CA GLY A 495 -14.42 -0.93 -5.00
C GLY A 495 -14.90 -2.11 -4.16
N TYR A 496 -15.14 -1.88 -2.86
CA TYR A 496 -15.66 -2.95 -2.01
C TYR A 496 -16.92 -3.58 -2.60
N TYR A 497 -17.78 -2.77 -3.21
CA TYR A 497 -19.03 -3.32 -3.74
C TYR A 497 -18.79 -4.41 -4.78
N GLY A 498 -17.74 -4.30 -5.59
CA GLY A 498 -17.39 -5.27 -6.60
C GLY A 498 -16.34 -6.28 -6.19
N TYR A 499 -15.77 -6.13 -4.99
CA TYR A 499 -14.76 -6.99 -4.41
C TYR A 499 -15.34 -8.37 -4.19
N ALA A 500 -14.79 -9.39 -4.86
CA ALA A 500 -15.46 -10.69 -4.90
C ALA A 500 -15.53 -11.35 -3.53
N LYS A 501 -14.55 -11.09 -2.65
CA LYS A 501 -14.51 -11.67 -1.32
C LYS A 501 -15.34 -10.88 -0.30
N ALA A 502 -16.11 -9.90 -0.75
CA ALA A 502 -16.78 -8.99 0.16
C ALA A 502 -17.98 -9.65 0.79
N ARG A 503 -18.10 -9.45 2.09
CA ARG A 503 -19.31 -9.89 2.76
C ARG A 503 -20.51 -9.11 2.24
N TRP A 504 -20.42 -7.79 2.23
CA TRP A 504 -21.51 -6.96 1.69
C TRP A 504 -21.35 -6.71 0.21
N TYR A 505 -20.96 -7.75 -0.53
CA TYR A 505 -20.84 -7.65 -1.99
C TYR A 505 -22.10 -7.06 -2.62
N CYS A 506 -21.93 -6.27 -3.69
CA CYS A 506 -23.08 -5.80 -4.43
C CYS A 506 -22.72 -5.32 -5.84
N LYS A 507 -22.80 -6.24 -6.81
CA LYS A 507 -22.48 -5.91 -8.19
C LYS A 507 -23.38 -4.78 -8.71
N GLU A 508 -24.69 -4.90 -8.48
CA GLU A 508 -25.60 -3.85 -8.93
C GLU A 508 -25.20 -2.49 -8.39
N CYS A 509 -24.76 -2.43 -7.13
CA CYS A 509 -24.36 -1.17 -6.53
C CYS A 509 -23.17 -0.58 -7.28
N ALA A 510 -22.16 -1.41 -7.54
CA ALA A 510 -20.97 -0.98 -8.29
C ALA A 510 -21.34 -0.46 -9.66
N GLU A 511 -22.03 -1.28 -10.45
CA GLU A 511 -22.50 -0.83 -11.77
C GLU A 511 -23.24 0.50 -11.68
N SER A 512 -24.00 0.73 -10.60
CA SER A 512 -24.82 1.92 -10.50
C SER A 512 -24.00 3.15 -10.19
N VAL A 513 -23.04 3.01 -9.25
CA VAL A 513 -22.16 4.13 -8.93
C VAL A 513 -21.38 4.56 -10.17
N THR A 514 -20.79 3.60 -10.87
CA THR A 514 -20.02 3.96 -12.05
C THR A 514 -20.89 4.73 -13.06
N ALA A 515 -22.14 4.27 -13.24
CA ALA A 515 -22.99 4.89 -14.24
C ALA A 515 -23.40 6.30 -13.84
N TRP A 516 -23.83 6.48 -12.59
CA TRP A 516 -24.05 7.84 -12.10
C TRP A 516 -22.81 8.70 -12.31
N GLY A 517 -21.64 8.16 -12.00
CA GLY A 517 -20.41 8.91 -12.23
C GLY A 517 -20.29 9.38 -13.66
N ARG A 518 -20.53 8.48 -14.62
CA ARG A 518 -20.47 8.90 -16.02
C ARG A 518 -21.46 10.03 -16.29
N GLN A 519 -22.72 9.85 -15.88
CA GLN A 519 -23.74 10.88 -16.12
C GLN A 519 -23.29 12.23 -15.60
N TYR A 520 -22.78 12.27 -14.37
CA TYR A 520 -22.46 13.56 -13.74
C TYR A 520 -21.29 14.24 -14.45
N LEU A 521 -20.25 13.48 -14.82
CA LEU A 521 -19.15 14.08 -15.57
C LEU A 521 -19.61 14.55 -16.94
N GLU A 522 -20.36 13.69 -17.65
CA GLU A 522 -20.77 14.06 -18.99
C GLU A 522 -21.60 15.33 -18.96
N THR A 523 -22.68 15.35 -18.17
CA THR A 523 -23.55 16.51 -18.24
C THR A 523 -22.83 17.74 -17.69
N THR A 524 -21.96 17.58 -16.70
CA THR A 524 -21.19 18.75 -16.26
C THR A 524 -20.32 19.30 -17.39
N ILE A 525 -19.79 18.40 -18.22
CA ILE A 525 -18.93 18.82 -19.31
C ILE A 525 -19.74 19.56 -20.36
N ARG A 526 -20.88 18.98 -20.75
CA ARG A 526 -21.77 19.62 -21.69
C ARG A 526 -22.20 20.98 -21.19
N GLU A 527 -22.42 21.11 -19.88
CA GLU A 527 -22.89 22.37 -19.33
C GLU A 527 -21.86 23.49 -19.54
N ILE A 528 -20.60 23.19 -19.20
CA ILE A 528 -19.56 24.24 -19.24
C ILE A 528 -19.24 24.62 -20.69
N GLU A 529 -19.47 23.72 -21.65
CA GLU A 529 -19.25 24.07 -23.06
C GLU A 529 -20.41 24.92 -23.56
N GLU A 530 -21.64 24.47 -23.32
CA GLU A 530 -22.81 25.13 -23.90
C GLU A 530 -23.24 26.38 -23.14
N LYS A 531 -22.93 26.51 -21.86
CA LYS A 531 -23.35 27.69 -21.13
C LYS A 531 -22.22 28.66 -20.86
N PHE A 532 -21.01 28.20 -20.66
CA PHE A 532 -19.96 29.13 -20.30
C PHE A 532 -18.90 29.27 -21.38
N GLY A 533 -19.04 28.55 -22.50
CA GLY A 533 -18.13 28.68 -23.60
C GLY A 533 -16.76 28.08 -23.36
N PHE A 534 -16.63 27.15 -22.43
CA PHE A 534 -15.35 26.51 -22.24
C PHE A 534 -15.17 25.41 -23.29
N LYS A 535 -13.89 25.07 -23.54
CA LYS A 535 -13.54 23.91 -24.34
C LYS A 535 -12.90 22.88 -23.44
N VAL A 536 -13.51 21.71 -23.35
CA VAL A 536 -12.98 20.70 -22.46
C VAL A 536 -11.90 19.95 -23.23
N LEU A 537 -10.69 19.96 -22.69
CA LEU A 537 -9.55 19.42 -23.41
C LEU A 537 -9.42 17.93 -23.16
N TYR A 538 -9.81 17.46 -21.99
CA TYR A 538 -9.61 16.09 -21.56
C TYR A 538 -10.41 15.86 -20.28
N ALA A 539 -10.83 14.60 -20.09
CA ALA A 539 -11.55 14.25 -18.88
C ALA A 539 -11.34 12.78 -18.53
N ASP A 540 -11.14 12.53 -17.25
CA ASP A 540 -10.98 11.17 -16.74
C ASP A 540 -11.79 11.04 -15.47
N THR A 541 -12.92 10.36 -15.59
CA THR A 541 -13.66 9.73 -14.49
C THR A 541 -14.26 10.71 -13.47
N ASP A 542 -13.46 11.47 -12.72
CA ASP A 542 -14.04 12.42 -11.77
C ASP A 542 -13.61 13.87 -12.00
N GLY A 543 -12.98 14.18 -13.13
CA GLY A 543 -12.46 15.52 -13.34
C GLY A 543 -12.27 15.79 -14.81
N PHE A 544 -12.13 17.08 -15.14
CA PHE A 544 -11.84 17.50 -16.51
C PHE A 544 -10.95 18.74 -16.50
N PHE A 545 -10.13 18.87 -17.57
CA PHE A 545 -9.35 20.07 -17.88
C PHE A 545 -10.06 20.91 -18.94
N ALA A 546 -10.08 22.22 -18.75
CA ALA A 546 -10.87 23.06 -19.64
C ALA A 546 -10.22 24.43 -19.75
N THR A 547 -10.48 25.09 -20.87
CA THR A 547 -10.03 26.45 -21.11
C THR A 547 -11.11 27.22 -21.86
N ILE A 548 -10.98 28.54 -21.85
CA ILE A 548 -11.75 29.37 -22.78
C ILE A 548 -10.81 29.76 -23.91
N PRO A 549 -10.98 29.21 -25.11
CA PRO A 549 -9.98 29.46 -26.16
C PRO A 549 -9.88 30.94 -26.45
N GLY A 550 -8.70 31.51 -26.22
CA GLY A 550 -8.52 32.91 -26.50
C GLY A 550 -8.46 33.78 -25.26
N ALA A 551 -9.22 33.40 -24.22
CA ALA A 551 -9.26 34.24 -23.02
C ALA A 551 -7.92 34.23 -22.31
N ASP A 552 -7.69 35.27 -21.51
CA ASP A 552 -6.49 35.32 -20.69
C ASP A 552 -6.75 34.66 -19.34
N ALA A 553 -5.68 34.50 -18.57
CA ALA A 553 -5.69 33.65 -17.39
C ALA A 553 -6.76 34.06 -16.39
N GLU A 554 -6.77 35.33 -16.00
CA GLU A 554 -7.74 35.76 -15.00
C GLU A 554 -9.17 35.58 -15.50
N THR A 555 -9.38 35.60 -16.81
CA THR A 555 -10.75 35.43 -17.31
C THR A 555 -11.22 34.00 -17.16
N VAL A 556 -10.37 33.03 -17.47
CA VAL A 556 -10.84 31.65 -17.36
C VAL A 556 -11.02 31.28 -15.90
N LYS A 557 -10.08 31.73 -15.04
CA LYS A 557 -10.20 31.52 -13.60
C LYS A 557 -11.52 32.06 -13.08
N LYS A 558 -11.79 33.34 -13.38
CA LYS A 558 -12.99 33.97 -12.85
C LYS A 558 -14.25 33.31 -13.41
N LYS A 559 -14.24 32.96 -14.69
CA LYS A 559 -15.42 32.28 -15.25
C LYS A 559 -15.50 30.83 -14.78
N ALA A 560 -14.36 30.19 -14.56
CA ALA A 560 -14.41 28.85 -13.96
C ALA A 560 -15.15 28.89 -12.62
N LYS A 561 -14.88 29.92 -11.82
CA LYS A 561 -15.45 30.01 -10.49
C LYS A 561 -16.96 30.33 -10.53
N GLU A 562 -17.37 31.14 -11.49
CA GLU A 562 -18.80 31.38 -11.70
C GLU A 562 -19.51 30.08 -12.04
N PHE A 563 -18.89 29.24 -12.86
CA PHE A 563 -19.53 28.00 -13.30
C PHE A 563 -19.65 27.02 -12.14
N LEU A 564 -18.68 27.00 -11.24
CA LEU A 564 -18.82 26.17 -10.06
C LEU A 564 -20.11 26.53 -9.32
N ASP A 565 -20.33 27.81 -9.06
CA ASP A 565 -21.56 28.25 -8.39
C ASP A 565 -22.79 27.85 -9.20
N TYR A 566 -22.73 28.04 -10.52
CA TYR A 566 -23.85 27.65 -11.36
C TYR A 566 -24.16 26.18 -11.22
N ILE A 567 -23.16 25.32 -11.48
CA ILE A 567 -23.41 23.89 -11.60
C ILE A 567 -23.68 23.28 -10.22
N ASN A 568 -23.10 23.84 -9.16
CA ASN A 568 -23.30 23.28 -7.83
C ASN A 568 -24.67 23.63 -7.26
N ALA A 569 -25.31 24.68 -7.73
CA ALA A 569 -26.71 24.82 -7.37
C ALA A 569 -27.60 23.86 -8.14
N LYS A 570 -27.07 23.18 -9.17
CA LYS A 570 -27.88 22.23 -9.94
C LYS A 570 -27.62 20.78 -9.56
N LEU A 571 -26.46 20.47 -8.98
CA LEU A 571 -26.12 19.08 -8.71
C LEU A 571 -26.88 18.57 -7.48
N PRO A 572 -27.55 17.43 -7.57
CA PRO A 572 -28.31 16.91 -6.42
C PRO A 572 -27.40 16.58 -5.25
N GLY A 573 -27.95 16.69 -4.05
CA GLY A 573 -27.35 16.13 -2.85
C GLY A 573 -25.92 16.53 -2.61
N LEU A 574 -25.05 15.53 -2.34
CA LEU A 574 -23.66 15.82 -1.98
C LEU A 574 -22.77 16.11 -3.18
N LEU A 575 -23.26 15.87 -4.39
CA LEU A 575 -22.47 16.06 -5.59
C LEU A 575 -21.98 17.49 -5.69
N GLU A 576 -20.67 17.67 -5.83
CA GLU A 576 -20.13 19.01 -5.86
C GLU A 576 -18.87 19.06 -6.72
N LEU A 577 -18.76 20.13 -7.51
CA LEU A 577 -17.57 20.37 -8.31
C LEU A 577 -16.74 21.44 -7.62
N GLU A 578 -15.41 21.29 -7.67
CA GLU A 578 -14.50 22.24 -7.04
C GLU A 578 -13.38 22.63 -8.01
N TYR A 579 -12.77 23.78 -7.71
CA TYR A 579 -11.66 24.31 -8.50
C TYR A 579 -10.39 23.77 -7.87
N GLU A 580 -9.78 22.77 -8.53
CA GLU A 580 -8.58 22.13 -8.00
C GLU A 580 -7.34 22.95 -8.32
N GLY A 581 -7.15 23.38 -9.57
CA GLY A 581 -5.96 24.14 -9.89
C GLY A 581 -5.98 24.69 -11.30
N PHE A 582 -5.14 25.69 -11.52
CA PHE A 582 -4.97 26.32 -12.83
C PHE A 582 -3.60 25.98 -13.39
N TYR A 583 -3.53 25.77 -14.70
CA TYR A 583 -2.31 25.38 -15.37
C TYR A 583 -2.08 26.30 -16.56
N LYS A 584 -0.93 27.00 -16.56
CA LYS A 584 -0.73 27.98 -17.62
C LYS A 584 -0.62 27.32 -18.99
N ARG A 585 -0.04 26.13 -19.07
CA ARG A 585 -0.03 25.40 -20.32
C ARG A 585 -0.06 23.91 -20.07
N GLY A 586 -0.50 23.17 -21.08
CA GLY A 586 -0.58 21.72 -21.00
C GLY A 586 -0.86 21.14 -22.35
N PHE A 587 -0.63 19.83 -22.46
CA PHE A 587 -0.99 19.10 -23.65
C PHE A 587 -1.36 17.68 -23.25
N PHE A 588 -2.22 17.07 -24.07
CA PHE A 588 -2.86 15.80 -23.76
C PHE A 588 -2.59 14.89 -24.95
N ALA A 589 -1.60 14.01 -24.77
CA ALA A 589 -1.14 13.18 -25.87
C ALA A 589 -2.19 12.14 -26.23
N THR A 590 -2.68 11.43 -25.23
CA THR A 590 -3.74 10.46 -25.45
C THR A 590 -4.49 10.28 -24.14
N LYS A 591 -5.45 9.35 -24.10
CA LYS A 591 -6.10 9.04 -22.84
C LYS A 591 -5.06 8.55 -21.86
N LYS A 592 -5.10 9.07 -20.64
CA LYS A 592 -4.20 8.69 -19.56
C LYS A 592 -2.76 9.12 -19.80
N LYS A 593 -2.51 10.00 -20.78
CA LYS A 593 -1.14 10.43 -21.11
C LYS A 593 -1.11 11.93 -21.39
N TYR A 594 -0.53 12.69 -20.47
CA TYR A 594 -0.55 14.14 -20.62
C TYR A 594 0.47 14.76 -19.68
N ALA A 595 0.68 16.05 -19.85
CA ALA A 595 1.65 16.77 -19.06
C ALA A 595 1.19 18.22 -19.01
N VAL A 596 1.44 18.85 -17.88
CA VAL A 596 0.89 20.16 -17.63
C VAL A 596 1.87 20.91 -16.73
N ILE A 597 1.84 22.23 -16.79
CA ILE A 597 2.66 23.08 -15.93
C ILE A 597 1.79 24.13 -15.25
N ASP A 598 2.05 24.37 -13.97
CA ASP A 598 1.31 25.36 -13.21
C ASP A 598 2.10 26.67 -13.12
N GLU A 599 1.56 27.65 -12.40
CA GLU A 599 2.18 28.96 -12.37
C GLU A 599 3.45 28.98 -11.53
N GLU A 600 3.71 27.95 -10.74
CA GLU A 600 4.98 27.81 -10.04
C GLU A 600 6.07 27.21 -10.93
N ASP A 601 5.73 26.95 -12.19
CA ASP A 601 6.58 26.27 -13.17
C ASP A 601 6.86 24.83 -12.79
N LYS A 602 6.01 24.23 -11.97
CA LYS A 602 6.14 22.82 -11.66
C LYS A 602 5.40 22.02 -12.73
N ILE A 603 6.12 21.12 -13.38
CA ILE A 603 5.54 20.31 -14.44
C ILE A 603 5.01 19.04 -13.80
N THR A 604 3.80 18.65 -14.17
CA THR A 604 3.20 17.43 -13.66
C THR A 604 2.90 16.54 -14.86
N THR A 605 3.21 15.26 -14.73
CA THR A 605 3.16 14.34 -15.85
C THR A 605 2.37 13.09 -15.47
N VAL A 606 1.79 12.46 -16.47
CA VAL A 606 0.90 11.34 -16.23
C VAL A 606 1.03 10.41 -17.43
N GLY A 607 1.54 9.20 -17.20
CA GLY A 607 1.60 8.23 -18.27
C GLY A 607 2.70 8.48 -19.27
N LEU A 608 3.64 9.36 -18.97
CA LEU A 608 4.68 9.74 -19.90
C LEU A 608 6.07 9.49 -19.37
N GLU A 609 6.25 9.59 -18.05
CA GLU A 609 7.57 9.58 -17.44
C GLU A 609 8.20 8.20 -17.59
N ILE A 610 9.40 8.05 -17.04
CA ILE A 610 10.19 6.82 -17.19
C ILE A 610 9.90 5.92 -16.00
N VAL A 611 9.17 4.84 -16.26
CA VAL A 611 9.07 3.71 -15.36
C VAL A 611 9.79 2.57 -16.06
N ARG A 612 11.01 2.28 -15.62
CA ARG A 612 11.80 1.32 -16.36
C ARG A 612 12.89 0.74 -15.47
N VAL A 613 13.14 -0.55 -15.66
CA VAL A 613 14.35 -1.15 -15.13
C VAL A 613 15.58 -0.45 -15.71
N ASP A 614 15.56 -0.17 -17.02
CA ASP A 614 16.68 0.48 -17.73
C ASP A 614 16.50 2.01 -17.77
N TRP A 615 16.73 2.66 -16.63
CA TRP A 615 16.68 4.11 -16.65
C TRP A 615 18.09 4.67 -16.59
N SER A 616 18.36 5.66 -17.44
CA SER A 616 19.65 6.32 -17.49
C SER A 616 19.43 7.82 -17.42
N GLU A 617 20.49 8.53 -17.03
CA GLU A 617 20.37 9.96 -16.78
C GLU A 617 20.41 10.79 -18.05
N ILE A 618 20.98 10.26 -19.13
CA ILE A 618 20.85 10.98 -20.39
C ILE A 618 19.40 10.95 -20.85
N ALA A 619 18.69 9.86 -20.55
CA ALA A 619 17.28 9.75 -20.90
C ALA A 619 16.45 10.66 -20.03
N LYS A 620 16.53 10.47 -18.71
CA LYS A 620 15.81 11.33 -17.78
C LYS A 620 16.11 12.80 -18.06
N GLU A 621 17.37 13.15 -18.34
CA GLU A 621 17.67 14.53 -18.71
C GLU A 621 16.94 14.94 -19.98
N THR A 622 16.90 14.06 -20.98
CA THR A 622 16.44 14.53 -22.29
C THR A 622 14.92 14.66 -22.31
N GLN A 623 14.22 13.69 -21.72
CA GLN A 623 12.78 13.84 -21.54
C GLN A 623 12.46 15.11 -20.77
N ALA A 624 13.23 15.37 -19.70
CA ALA A 624 12.95 16.53 -18.86
C ALA A 624 13.13 17.83 -19.63
N ARG A 625 14.08 17.88 -20.55
CA ARG A 625 14.30 19.14 -21.26
C ARG A 625 13.31 19.36 -22.39
N VAL A 626 12.80 18.29 -23.01
CA VAL A 626 11.82 18.53 -24.06
C VAL A 626 10.49 18.96 -23.45
N LEU A 627 10.15 18.42 -22.26
CA LEU A 627 8.97 18.87 -21.54
C LEU A 627 9.12 20.34 -21.17
N GLU A 628 10.29 20.72 -20.64
CA GLU A 628 10.57 22.11 -20.31
C GLU A 628 10.51 22.99 -21.54
N ALA A 629 10.83 22.44 -22.72
CA ALA A 629 10.78 23.26 -23.92
C ALA A 629 9.33 23.43 -24.38
N ILE A 630 8.54 22.37 -24.28
CA ILE A 630 7.12 22.48 -24.64
C ILE A 630 6.36 23.29 -23.60
N LEU A 631 6.59 23.03 -22.30
CA LEU A 631 5.69 23.62 -21.30
C LEU A 631 6.20 24.94 -20.71
N LYS A 632 7.48 25.03 -20.29
CA LYS A 632 7.97 26.33 -19.83
C LYS A 632 8.11 27.32 -20.99
N HIS A 633 8.77 26.90 -22.07
CA HIS A 633 9.00 27.81 -23.19
C HIS A 633 7.80 27.87 -24.14
N GLY A 634 6.92 26.88 -24.10
CA GLY A 634 5.89 26.82 -25.13
C GLY A 634 6.47 26.75 -26.53
N ASP A 635 7.49 25.92 -26.73
CA ASP A 635 8.23 25.88 -27.99
C ASP A 635 8.50 24.42 -28.37
N VAL A 636 7.67 23.88 -29.27
CA VAL A 636 7.77 22.46 -29.56
C VAL A 636 8.96 22.20 -30.49
N GLU A 637 9.22 23.12 -31.42
CA GLU A 637 10.34 22.99 -32.33
C GLU A 637 11.66 22.84 -31.58
N GLU A 638 11.90 23.70 -30.60
CA GLU A 638 13.10 23.59 -29.78
C GLU A 638 13.22 22.22 -29.16
N ALA A 639 12.09 21.67 -28.69
CA ALA A 639 12.10 20.34 -28.10
C ALA A 639 12.68 19.34 -29.09
N VAL A 640 12.29 19.48 -30.37
CA VAL A 640 12.76 18.59 -31.42
C VAL A 640 14.26 18.79 -31.64
N ARG A 641 14.69 20.04 -31.85
CA ARG A 641 16.11 20.39 -31.90
C ARG A 641 16.88 19.72 -30.78
N ILE A 642 16.37 19.82 -29.56
CA ILE A 642 17.10 19.28 -28.42
C ILE A 642 17.37 17.80 -28.62
N VAL A 643 16.40 17.08 -29.18
CA VAL A 643 16.60 15.65 -29.36
C VAL A 643 17.64 15.40 -30.45
N LYS A 644 17.60 16.22 -31.50
CA LYS A 644 18.58 16.14 -32.57
C LYS A 644 19.99 16.43 -32.06
N GLU A 645 20.16 17.55 -31.35
CA GLU A 645 21.42 17.85 -30.69
C GLU A 645 21.90 16.68 -29.84
N VAL A 646 21.03 16.15 -29.00
CA VAL A 646 21.44 15.11 -28.04
C VAL A 646 21.79 13.82 -28.77
N THR A 647 21.11 13.50 -29.86
CA THR A 647 21.46 12.31 -30.62
C THR A 647 22.77 12.52 -31.39
N GLU A 648 22.99 13.72 -31.93
CA GLU A 648 24.27 14.08 -32.56
C GLU A 648 25.42 13.95 -31.57
N LYS A 649 25.32 14.65 -30.44
CA LYS A 649 26.33 14.60 -29.40
C LYS A 649 26.56 13.20 -28.87
N LEU A 650 25.59 12.28 -28.99
CA LEU A 650 25.83 10.90 -28.57
C LEU A 650 26.70 10.15 -29.58
N SER A 651 26.51 10.42 -30.87
CA SER A 651 27.24 9.73 -31.93
C SER A 651 28.61 10.36 -32.21
N LYS A 652 28.73 11.68 -32.15
CA LYS A 652 30.03 12.33 -32.16
C LYS A 652 30.73 12.25 -30.80
N TYR A 653 30.21 11.45 -29.89
CA TYR A 653 30.83 10.99 -28.66
C TYR A 653 31.05 12.10 -27.62
N GLU A 654 30.36 13.24 -27.77
CA GLU A 654 30.59 14.43 -26.95
C GLU A 654 29.83 14.41 -25.62
N VAL A 655 29.27 13.29 -25.21
CA VAL A 655 28.35 13.27 -24.08
C VAL A 655 29.06 12.62 -22.89
N PRO A 656 29.12 13.30 -21.74
CA PRO A 656 29.75 12.75 -20.53
C PRO A 656 29.34 11.31 -20.29
N PRO A 657 30.30 10.38 -20.34
CA PRO A 657 29.94 8.95 -20.43
C PRO A 657 29.29 8.39 -19.17
N GLU A 658 29.12 9.18 -18.11
CA GLU A 658 28.53 8.67 -16.87
C GLU A 658 27.02 8.89 -16.78
N LYS A 659 26.49 10.01 -17.30
CA LYS A 659 25.04 10.11 -17.39
C LYS A 659 24.46 8.99 -18.25
N LEU A 660 25.32 8.22 -18.91
CA LEU A 660 24.97 7.01 -19.62
C LEU A 660 25.09 5.76 -18.75
N VAL A 661 25.09 5.91 -17.43
CA VAL A 661 24.98 4.76 -16.56
C VAL A 661 23.53 4.30 -16.48
N ILE A 662 23.33 3.02 -16.74
CA ILE A 662 22.02 2.39 -16.63
C ILE A 662 21.99 1.64 -15.30
N TYR A 663 21.44 2.29 -14.27
CA TYR A 663 21.01 1.57 -13.07
C TYR A 663 19.84 0.68 -13.43
N GLU A 664 20.05 -0.63 -13.42
CA GLU A 664 19.02 -1.60 -13.70
C GLU A 664 18.74 -2.44 -12.46
N GLN A 665 17.48 -2.75 -12.26
CA GLN A 665 17.07 -3.69 -11.23
C GLN A 665 16.86 -5.06 -11.82
N ILE A 666 17.09 -6.08 -11.01
CA ILE A 666 16.95 -7.47 -11.44
C ILE A 666 15.66 -8.01 -10.85
N THR A 667 14.85 -8.66 -11.69
CA THR A 667 13.57 -9.24 -11.30
C THR A 667 13.71 -10.72 -10.99
N ARG A 668 14.28 -11.45 -11.92
CA ARG A 668 14.49 -12.88 -11.81
C ARG A 668 16.00 -13.13 -11.74
N ASP A 669 16.40 -14.21 -11.05
CA ASP A 669 17.80 -14.62 -11.06
C ASP A 669 18.26 -14.76 -12.49
N LEU A 670 19.54 -14.49 -12.79
CA LEU A 670 19.97 -14.36 -14.18
C LEU A 670 19.90 -15.74 -14.82
N LYS A 671 18.69 -16.10 -15.21
CA LYS A 671 18.42 -17.26 -16.04
C LYS A 671 18.00 -16.85 -17.45
N ASP A 672 18.37 -15.64 -17.86
CA ASP A 672 17.99 -15.01 -19.12
C ASP A 672 16.55 -14.58 -19.07
N TYR A 673 16.13 -13.94 -17.96
CA TYR A 673 14.80 -13.39 -17.84
C TYR A 673 14.48 -12.56 -19.08
N LYS A 674 15.39 -11.65 -19.40
CA LYS A 674 15.53 -11.12 -20.74
C LYS A 674 16.44 -12.07 -21.49
N ALA A 675 16.01 -12.51 -22.67
CA ALA A 675 16.77 -13.46 -23.47
C ALA A 675 18.28 -13.23 -23.39
N THR A 676 18.73 -12.05 -23.81
CA THR A 676 20.10 -11.57 -23.59
C THR A 676 20.04 -10.08 -23.28
N GLY A 677 21.22 -9.46 -23.22
CA GLY A 677 21.33 -8.03 -23.07
C GLY A 677 22.58 -7.61 -22.32
N PRO A 678 22.65 -6.33 -21.94
CA PRO A 678 23.78 -5.87 -21.11
C PRO A 678 23.92 -6.65 -19.82
N HIS A 679 22.80 -7.10 -19.24
CA HIS A 679 22.81 -7.67 -17.91
C HIS A 679 23.63 -8.96 -17.83
N VAL A 680 23.53 -9.81 -18.86
CA VAL A 680 24.30 -11.05 -18.84
C VAL A 680 25.79 -10.77 -18.96
N ALA A 681 26.16 -9.66 -19.60
CA ALA A 681 27.56 -9.30 -19.70
C ALA A 681 28.08 -8.72 -18.38
N VAL A 682 27.32 -7.82 -17.73
CA VAL A 682 27.84 -7.24 -16.50
C VAL A 682 27.87 -8.28 -15.39
N ALA A 683 27.02 -9.31 -15.49
CA ALA A 683 27.09 -10.42 -14.54
C ALA A 683 28.43 -11.12 -14.62
N GLU A 684 28.88 -11.42 -15.84
CA GLU A 684 30.18 -12.05 -16.01
C GLU A 684 31.29 -11.14 -15.49
N ARG A 685 31.15 -9.82 -15.70
CA ARG A 685 32.22 -8.89 -15.33
C ARG A 685 32.29 -8.64 -13.83
N LEU A 686 31.18 -8.78 -13.10
CA LEU A 686 31.24 -8.62 -11.65
C LEU A 686 31.30 -9.95 -10.91
N ALA A 687 31.13 -11.08 -11.60
CA ALA A 687 31.59 -12.35 -11.05
C ALA A 687 33.11 -12.35 -10.86
N ALA A 688 33.81 -11.48 -11.58
CA ALA A 688 35.25 -11.31 -11.37
C ALA A 688 35.56 -10.77 -9.98
N ARG A 689 34.72 -9.86 -9.49
CA ARG A 689 34.80 -9.32 -8.13
C ARG A 689 34.23 -10.30 -7.09
N GLY A 690 33.67 -11.43 -7.54
CA GLY A 690 33.13 -12.43 -6.65
C GLY A 690 31.64 -12.34 -6.43
N ILE A 691 30.97 -11.38 -7.05
CA ILE A 691 29.57 -11.09 -6.82
C ILE A 691 28.70 -11.93 -7.75
N LYS A 692 27.63 -12.49 -7.20
CA LYS A 692 26.54 -13.04 -7.99
C LYS A 692 25.39 -12.04 -8.05
N ILE A 693 24.63 -12.11 -9.13
CA ILE A 693 23.50 -11.22 -9.35
C ILE A 693 22.24 -11.97 -8.96
N ARG A 694 21.54 -11.44 -7.97
CA ARG A 694 20.34 -12.05 -7.40
C ARG A 694 19.19 -11.07 -7.65
N PRO A 695 17.93 -11.45 -7.43
CA PRO A 695 16.87 -10.45 -7.43
C PRO A 695 17.23 -9.29 -6.50
N GLY A 696 16.77 -8.09 -6.87
CA GLY A 696 17.28 -6.89 -6.25
C GLY A 696 18.61 -6.54 -6.87
N THR A 697 19.68 -6.51 -6.07
CA THR A 697 21.06 -6.35 -6.53
C THR A 697 21.16 -5.42 -7.73
N VAL A 698 20.79 -4.15 -7.52
CA VAL A 698 20.87 -3.13 -8.56
C VAL A 698 22.19 -3.22 -9.31
N ILE A 699 22.13 -3.15 -10.64
CA ILE A 699 23.30 -3.24 -11.49
C ILE A 699 23.44 -1.93 -12.28
N SER A 700 24.51 -1.19 -12.02
CA SER A 700 24.82 0.00 -12.78
C SER A 700 25.84 -0.36 -13.85
N TYR A 701 25.63 0.14 -15.06
CA TYR A 701 26.51 -0.26 -16.16
C TYR A 701 26.44 0.75 -17.30
N ILE A 702 27.47 0.73 -18.12
CA ILE A 702 27.55 1.45 -19.37
C ILE A 702 27.69 0.42 -20.49
N VAL A 703 27.10 0.73 -21.64
CA VAL A 703 27.02 -0.18 -22.77
C VAL A 703 28.02 0.29 -23.83
N LEU A 704 28.91 -0.61 -24.25
CA LEU A 704 30.10 -0.24 -25.01
C LEU A 704 29.99 -0.76 -26.43
N LYS A 705 30.68 -0.08 -27.36
CA LYS A 705 30.84 -0.68 -28.68
C LYS A 705 31.59 -1.99 -28.53
N GLY A 706 30.93 -3.10 -28.82
CA GLY A 706 31.62 -4.36 -28.90
C GLY A 706 31.48 -4.98 -30.27
N SER A 707 31.84 -6.24 -30.39
CA SER A 707 31.38 -7.02 -31.52
C SER A 707 30.04 -7.66 -31.13
N GLY A 708 29.63 -8.68 -31.87
CA GLY A 708 28.31 -9.23 -31.68
C GLY A 708 27.24 -8.15 -31.76
N ARG A 709 26.24 -8.27 -30.91
CA ARG A 709 25.06 -7.42 -30.95
C ARG A 709 25.29 -6.10 -30.21
N ILE A 710 24.61 -5.04 -30.68
CA ILE A 710 24.55 -3.80 -29.93
C ILE A 710 23.87 -4.07 -28.58
N GLY A 711 24.48 -3.58 -27.50
CA GLY A 711 23.98 -3.89 -26.18
C GLY A 711 24.32 -5.28 -25.69
N ASP A 712 25.32 -5.94 -26.26
CA ASP A 712 25.80 -7.18 -25.68
C ASP A 712 27.08 -7.01 -24.90
N ARG A 713 27.83 -5.92 -25.12
CA ARG A 713 29.08 -5.61 -24.42
C ARG A 713 28.78 -4.53 -23.38
N ALA A 714 28.74 -4.91 -22.10
CA ALA A 714 28.45 -3.96 -21.05
C ALA A 714 29.36 -4.21 -19.85
N ILE A 715 29.74 -3.13 -19.18
CA ILE A 715 30.64 -3.16 -18.03
C ILE A 715 30.12 -2.26 -16.94
N PRO A 716 30.47 -2.53 -15.67
CA PRO A 716 30.21 -1.55 -14.61
C PRO A 716 31.00 -0.28 -14.84
N PHE A 717 30.41 0.84 -14.42
CA PHE A 717 31.12 2.12 -14.53
C PHE A 717 32.39 2.12 -13.70
N ASP A 718 32.46 1.21 -12.70
CA ASP A 718 33.70 0.91 -11.98
C ASP A 718 34.85 0.71 -12.95
N GLU A 719 34.67 -0.22 -13.87
CA GLU A 719 35.69 -0.70 -14.79
C GLU A 719 35.82 0.17 -16.02
N PHE A 720 34.96 1.18 -16.17
CA PHE A 720 35.05 2.10 -17.28
C PHE A 720 36.24 3.01 -17.09
N ASP A 721 36.89 3.34 -18.21
CA ASP A 721 37.83 4.49 -18.23
C ASP A 721 37.86 5.06 -19.64
N PRO A 722 37.83 6.39 -19.79
CA PRO A 722 37.68 6.97 -21.12
C PRO A 722 38.83 6.74 -22.09
N ALA A 723 39.46 5.58 -22.03
CA ALA A 723 40.51 5.24 -22.98
C ALA A 723 40.53 3.73 -23.11
N LYS A 724 40.42 3.23 -24.35
CA LYS A 724 40.05 1.83 -24.63
C LYS A 724 38.62 1.53 -24.18
N HIS A 725 37.78 2.57 -24.10
CA HIS A 725 36.36 2.40 -23.81
C HIS A 725 35.57 3.43 -24.61
N ARG A 726 34.67 2.96 -25.47
CA ARG A 726 33.69 3.80 -26.15
C ARG A 726 32.29 3.23 -25.92
N TYR A 727 31.37 4.08 -25.47
CA TYR A 727 29.99 3.65 -25.35
C TYR A 727 29.39 3.47 -26.74
N ASP A 728 28.44 2.55 -26.82
CA ASP A 728 27.73 2.30 -28.07
C ASP A 728 26.62 3.35 -28.20
N ALA A 729 26.88 4.37 -29.03
CA ALA A 729 25.96 5.50 -29.17
C ALA A 729 24.60 5.05 -29.73
N GLU A 730 24.60 4.06 -30.62
CA GLU A 730 23.36 3.59 -31.22
C GLU A 730 22.45 2.97 -30.17
N TYR A 731 23.02 2.26 -29.18
CA TYR A 731 22.22 1.74 -28.09
C TYR A 731 21.60 2.87 -27.28
N TYR A 732 22.39 3.90 -26.97
CA TYR A 732 21.89 4.98 -26.14
C TYR A 732 20.82 5.80 -26.87
N ILE A 733 20.92 5.91 -28.20
CA ILE A 733 19.93 6.65 -28.95
C ILE A 733 18.63 5.84 -29.07
N GLU A 734 18.72 4.62 -29.59
CA GLU A 734 17.53 3.83 -29.85
C GLU A 734 16.95 3.12 -28.63
N ASN A 735 17.69 2.98 -27.53
CA ASN A 735 17.20 2.23 -26.38
C ASN A 735 16.93 3.11 -25.17
N GLN A 736 17.71 4.15 -24.96
CA GLN A 736 17.55 5.03 -23.80
C GLN A 736 16.84 6.33 -24.16
N VAL A 737 17.40 7.07 -25.11
CA VAL A 737 17.01 8.47 -25.29
C VAL A 737 15.69 8.57 -26.04
N LEU A 738 15.65 8.06 -27.28
CA LEU A 738 14.44 8.18 -28.08
C LEU A 738 13.22 7.53 -27.43
N PRO A 739 13.30 6.37 -26.79
CA PRO A 739 12.10 5.85 -26.11
C PRO A 739 11.60 6.76 -25.01
N ALA A 740 12.45 7.57 -24.38
CA ALA A 740 12.00 8.50 -23.35
C ALA A 740 11.21 9.68 -23.88
N VAL A 741 11.30 9.98 -25.17
CA VAL A 741 10.72 11.19 -25.73
C VAL A 741 9.83 10.92 -26.92
N GLU A 742 9.75 9.66 -27.37
CA GLU A 742 8.97 9.37 -28.57
C GLU A 742 7.50 9.79 -28.37
N ARG A 743 6.91 9.37 -27.24
CA ARG A 743 5.50 9.57 -26.97
C ARG A 743 5.13 11.04 -26.90
N ILE A 744 5.92 11.83 -26.16
CA ILE A 744 5.70 13.27 -26.11
C ILE A 744 5.65 13.86 -27.51
N LEU A 745 6.64 13.55 -28.32
CA LEU A 745 6.74 14.25 -29.59
C LEU A 745 5.82 13.65 -30.65
N ARG A 746 5.41 12.39 -30.49
CA ARG A 746 4.32 11.88 -31.33
C ARG A 746 3.05 12.70 -31.14
N ALA A 747 2.83 13.22 -29.93
CA ALA A 747 1.63 14.01 -29.66
C ALA A 747 1.66 15.31 -30.43
N PHE A 748 2.83 15.69 -30.93
CA PHE A 748 2.92 16.90 -31.71
C PHE A 748 3.14 16.59 -33.18
N GLY A 749 2.97 15.33 -33.56
CA GLY A 749 3.01 14.93 -34.94
C GLY A 749 4.35 14.39 -35.43
N TYR A 750 5.37 14.38 -34.58
CA TYR A 750 6.71 13.95 -34.96
C TYR A 750 6.89 12.46 -34.77
N ARG A 751 7.51 11.81 -35.75
CA ARG A 751 7.91 10.41 -35.64
C ARG A 751 9.37 10.30 -35.23
N LYS A 752 9.77 9.08 -34.85
CA LYS A 752 11.13 8.84 -34.40
C LYS A 752 12.12 9.22 -35.47
N GLU A 753 11.76 8.99 -36.74
CA GLU A 753 12.59 9.38 -37.87
C GLU A 753 13.02 10.84 -37.76
N ASP A 754 12.09 11.73 -37.41
CA ASP A 754 12.39 13.17 -37.38
C ASP A 754 13.25 13.59 -36.19
N LEU A 755 13.64 12.68 -35.30
CA LEU A 755 14.25 13.10 -34.06
C LEU A 755 15.77 12.93 -34.06
N ARG A 756 16.33 12.42 -35.14
CA ARG A 756 17.77 12.25 -35.30
C ARG A 756 18.24 13.07 -36.51
N TYR A 757 19.55 13.05 -36.74
CA TYR A 757 20.07 13.27 -38.09
C TYR A 757 21.44 12.61 -38.22
N GLN A 758 21.55 11.72 -39.21
CA GLN A 758 22.83 11.23 -39.71
C GLN A 758 22.77 11.35 -41.23
N LYS A 759 23.59 10.56 -41.92
CA LYS A 759 23.33 10.17 -43.31
C LYS A 759 24.29 9.05 -43.73
S SO4 B . -13.53 -11.12 7.81
O1 SO4 B . -12.93 -10.10 8.66
O2 SO4 B . -12.63 -11.38 6.67
O3 SO4 B . -13.73 -12.34 8.59
O4 SO4 B . -14.83 -10.63 7.32
S SO4 C . -8.82 -12.27 8.80
O1 SO4 C . -7.92 -11.69 9.81
O2 SO4 C . -8.07 -12.74 7.64
O3 SO4 C . -9.53 -13.39 9.40
O4 SO4 C . -9.75 -11.25 8.31
#